data_1FN1
# 
_entry.id   1FN1 
# 
_audit_conform.dict_name       mmcif_pdbx.dic 
_audit_conform.dict_version    5.386 
_audit_conform.dict_location   http://mmcif.pdb.org/dictionaries/ascii/mmcif_pdbx.dic 
# 
loop_
_database_2.database_id 
_database_2.database_code 
_database_2.pdbx_database_accession 
_database_2.pdbx_DOI 
PDB   1FN1         pdb_00001fn1 10.2210/pdb1fn1/pdb 
NDB   DD0032       ?            ?                   
RCSB  RCSB011728   ?            ?                   
WWPDB D_1000011728 ?            ?                   
# 
loop_
_pdbx_audit_revision_history.ordinal 
_pdbx_audit_revision_history.data_content_type 
_pdbx_audit_revision_history.major_revision 
_pdbx_audit_revision_history.minor_revision 
_pdbx_audit_revision_history.revision_date 
1 'Structure model' 1 0 2000-10-30 
2 'Structure model' 1 1 2007-10-16 
3 'Structure model' 1 2 2011-07-13 
4 'Structure model' 1 3 2019-07-24 
5 'Structure model' 1 4 2024-02-07 
# 
_pdbx_audit_revision_details.ordinal             1 
_pdbx_audit_revision_details.revision_ordinal    1 
_pdbx_audit_revision_details.data_content_type   'Structure model' 
_pdbx_audit_revision_details.provider            repository 
_pdbx_audit_revision_details.type                'Initial release' 
_pdbx_audit_revision_details.description         ? 
_pdbx_audit_revision_details.details             ? 
# 
loop_
_pdbx_audit_revision_group.ordinal 
_pdbx_audit_revision_group.revision_ordinal 
_pdbx_audit_revision_group.data_content_type 
_pdbx_audit_revision_group.group 
1  2 'Structure model' 'Version format compliance' 
2  3 'Structure model' 'Version format compliance' 
3  4 'Structure model' Advisory                    
4  4 'Structure model' 'Data collection'           
5  4 'Structure model' 'Derived calculations'      
6  4 'Structure model' 'Refinement description'    
7  5 'Structure model' Advisory                    
8  5 'Structure model' 'Data collection'           
9  5 'Structure model' 'Database references'       
10 5 'Structure model' 'Derived calculations'      
# 
loop_
_pdbx_audit_revision_category.ordinal 
_pdbx_audit_revision_category.revision_ordinal 
_pdbx_audit_revision_category.data_content_type 
_pdbx_audit_revision_category.category 
1  4 'Structure model' pdbx_struct_special_symmetry 
2  4 'Structure model' pdbx_unobs_or_zero_occ_atoms 
3  4 'Structure model' software                     
4  4 'Structure model' struct_conn                  
5  5 'Structure model' chem_comp_atom               
6  5 'Structure model' chem_comp_bond               
7  5 'Structure model' database_2                   
8  5 'Structure model' pdbx_unobs_or_zero_occ_atoms 
9  5 'Structure model' struct_conn                  
10 5 'Structure model' struct_conn_type             
11 5 'Structure model' struct_site                  
# 
loop_
_pdbx_audit_revision_item.ordinal 
_pdbx_audit_revision_item.revision_ordinal 
_pdbx_audit_revision_item.data_content_type 
_pdbx_audit_revision_item.item 
1  4 'Structure model' '_software.name'                      
2  4 'Structure model' '_struct_conn.pdbx_leaving_atom_flag' 
3  5 'Structure model' '_database_2.pdbx_DOI'                
4  5 'Structure model' '_database_2.pdbx_database_accession' 
5  5 'Structure model' '_struct_conn.conn_type_id'           
6  5 'Structure model' '_struct_conn.id'                     
7  5 'Structure model' '_struct_conn.pdbx_dist_value'        
8  5 'Structure model' '_struct_conn.pdbx_leaving_atom_flag' 
9  5 'Structure model' '_struct_conn.ptnr1_auth_asym_id'     
10 5 'Structure model' '_struct_conn.ptnr1_auth_comp_id'     
11 5 'Structure model' '_struct_conn.ptnr1_auth_seq_id'      
12 5 'Structure model' '_struct_conn.ptnr1_label_asym_id'    
13 5 'Structure model' '_struct_conn.ptnr1_label_atom_id'    
14 5 'Structure model' '_struct_conn.ptnr1_label_comp_id'    
15 5 'Structure model' '_struct_conn.ptnr1_label_seq_id'     
16 5 'Structure model' '_struct_conn.ptnr2_auth_asym_id'     
17 5 'Structure model' '_struct_conn.ptnr2_auth_comp_id'     
18 5 'Structure model' '_struct_conn.ptnr2_auth_seq_id'      
19 5 'Structure model' '_struct_conn.ptnr2_label_asym_id'    
20 5 'Structure model' '_struct_conn.ptnr2_label_atom_id'    
21 5 'Structure model' '_struct_conn.ptnr2_label_comp_id'    
22 5 'Structure model' '_struct_conn.ptnr2_label_seq_id'     
23 5 'Structure model' '_struct_conn_type.id'                
24 5 'Structure model' '_struct_site.pdbx_auth_asym_id'      
25 5 'Structure model' '_struct_site.pdbx_auth_comp_id'      
26 5 'Structure model' '_struct_site.pdbx_auth_seq_id'       
# 
_pdbx_database_status.status_code                     REL 
_pdbx_database_status.entry_id                        1FN1 
_pdbx_database_status.recvd_initial_deposition_date   2000-08-19 
_pdbx_database_status.deposit_site                    RCSB 
_pdbx_database_status.process_site                    RCSB 
_pdbx_database_status.status_code_sf                  REL 
_pdbx_database_status.SG_entry                        . 
_pdbx_database_status.pdb_format_compatible           Y 
_pdbx_database_status.status_code_mr                  ? 
_pdbx_database_status.status_code_cs                  ? 
_pdbx_database_status.methods_development_category    ? 
_pdbx_database_status.status_code_nmr_data            ? 
# 
loop_
_pdbx_database_related.db_name 
_pdbx_database_related.db_id 
_pdbx_database_related.details 
_pdbx_database_related.content_type 
NDB DD0033 '9-amino-(N-(2-dimethylamino)butyl)acridine-4-carboxamide bound to d(CGTACG)2'         unspecified 
NDB DD0023 '5-F-9-amino-(N-(2-dimethylamino)ethyl-acridine-4-carboxamide bound to d(CGTACG)2'     unspecified 
NDB DD0015 '9-amino-(N-(2-dimethylamino)ethyl)acridine-4-carboxamide bound to d(CGTACG)2'         unspecified 
NDB DDB074 '6-Br-9-amino-(N-(2-dimethylamino)ethyl)acridine-4-carboxamide bound to d(CG(Br)ACG)2' unspecified 
# 
loop_
_audit_author.name 
_audit_author.pdbx_ordinal 
'Adams, A.'       1 
'Guss, J.M.'      2 
'Collyer, C.A.'   3 
'Denny, W.A.'     4 
'Wakelin, L.P.G.' 5 
# 
_citation.id                        primary 
_citation.title                     
'A novel form of intercalation involving four DNA duplexes in an acridine-4-carboxamide complex of d(CGTACG)(2).' 
_citation.journal_abbrev            'Nucleic Acids Res.' 
_citation.journal_volume            28 
_citation.page_first                4244 
_citation.page_last                 4253 
_citation.year                      2000 
_citation.journal_id_ASTM           NARHAD 
_citation.country                   UK 
_citation.journal_id_ISSN           0305-1048 
_citation.journal_id_CSD            0389 
_citation.book_publisher            ? 
_citation.pdbx_database_id_PubMed   11058124 
_citation.pdbx_database_id_DOI      10.1093/nar/28.21.4244 
# 
loop_
_citation_author.citation_id 
_citation_author.name 
_citation_author.ordinal 
_citation_author.identifier_ORCID 
primary 'Adams, A.'     1 ? 
primary 'Guss, J.M.'    2 ? 
primary 'Collyer, C.A.' 3 ? 
primary 'Denny, W.A.'   4 ? 
primary 'Wakelin, L.P.' 5 ? 
# 
loop_
_entity.id 
_entity.type 
_entity.src_method 
_entity.pdbx_description 
_entity.formula_weight 
_entity.pdbx_number_of_molecules 
_entity.pdbx_ec 
_entity.pdbx_mutation 
_entity.pdbx_fragment 
_entity.details 
1 polymer     syn 
;DNA (5'-D(P*GP*(BRO)UP*AP*CP*G)-3')
;
1584.906 1  ? ? ? 'KNOWN TO BE A GOOD SEQUENCE FOR INTERCALATION' 
2 polymer     syn 
;DNA (5'-D(*CP*GP*(BRO)UP*AP*CP*G)-3')
;
1874.087 1  ? ? ? 'KNOWN TO BE A GOOD SEQUENCE FOR INTERCALATION' 
3 non-polymer syn 'COBALT (II) ION'                                          58.933   2  ? ? ? ? 
4 non-polymer syn '9-AMINO-(N-(2-DIMETHYLAMINO)BUTYL)ACRIDINE-4-CARBOXAMIDE' 336.431  1  ? ? ? ? 
5 water       nat water                                                      18.015   19 ? ? ? ? 
# 
loop_
_entity_poly.entity_id 
_entity_poly.type 
_entity_poly.nstd_linkage 
_entity_poly.nstd_monomer 
_entity_poly.pdbx_seq_one_letter_code 
_entity_poly.pdbx_seq_one_letter_code_can 
_entity_poly.pdbx_strand_id 
_entity_poly.pdbx_target_identifier 
1 polydeoxyribonucleotide no yes '(DG)(BRU)(DA)(DC)(DG)'     GUACG  A ? 
2 polydeoxyribonucleotide no yes '(DC)(DG)(BRU)(DA)(DC)(DG)' CGUACG B ? 
# 
loop_
_pdbx_entity_nonpoly.entity_id 
_pdbx_entity_nonpoly.name 
_pdbx_entity_nonpoly.comp_id 
3 'COBALT (II) ION'                                          CO  
4 '9-AMINO-(N-(2-DIMETHYLAMINO)BUTYL)ACRIDINE-4-CARBOXAMIDE' 8AD 
5 water                                                      HOH 
# 
loop_
_entity_poly_seq.entity_id 
_entity_poly_seq.num 
_entity_poly_seq.mon_id 
_entity_poly_seq.hetero 
1 1 DG  n 
1 2 BRU n 
1 3 DA  n 
1 4 DC  n 
1 5 DG  n 
2 1 DC  n 
2 2 DG  n 
2 3 BRU n 
2 4 DA  n 
2 5 DC  n 
2 6 DG  n 
# 
loop_
_chem_comp.id 
_chem_comp.type 
_chem_comp.mon_nstd_flag 
_chem_comp.name 
_chem_comp.pdbx_synonyms 
_chem_comp.formula 
_chem_comp.formula_weight 
8AD non-polymer   . '9-AMINO-(N-(2-DIMETHYLAMINO)BUTYL)ACRIDINE-4-CARBOXAMIDE' ? 'C20 H24 N4 O'      336.431 
BRU 'DNA linking' n "5-BROMO-2'-DEOXYURIDINE-5'-MONOPHOSPHATE"                 ? 'C9 H12 Br N2 O8 P' 387.078 
CO  non-polymer   . 'COBALT (II) ION'                                          ? 'Co 2'              58.933  
DA  'DNA linking' y "2'-DEOXYADENOSINE-5'-MONOPHOSPHATE"                       ? 'C10 H14 N5 O6 P'   331.222 
DC  'DNA linking' y "2'-DEOXYCYTIDINE-5'-MONOPHOSPHATE"                        ? 'C9 H14 N3 O7 P'    307.197 
DG  'DNA linking' y "2'-DEOXYGUANOSINE-5'-MONOPHOSPHATE"                       ? 'C10 H14 N5 O7 P'   347.221 
HOH non-polymer   . WATER                                                      ? 'H2 O'              18.015  
# 
loop_
_pdbx_poly_seq_scheme.asym_id 
_pdbx_poly_seq_scheme.entity_id 
_pdbx_poly_seq_scheme.seq_id 
_pdbx_poly_seq_scheme.mon_id 
_pdbx_poly_seq_scheme.ndb_seq_num 
_pdbx_poly_seq_scheme.pdb_seq_num 
_pdbx_poly_seq_scheme.auth_seq_num 
_pdbx_poly_seq_scheme.pdb_mon_id 
_pdbx_poly_seq_scheme.auth_mon_id 
_pdbx_poly_seq_scheme.pdb_strand_id 
_pdbx_poly_seq_scheme.pdb_ins_code 
_pdbx_poly_seq_scheme.hetero 
A 1 1 DG  1 1002 1002 DG  G A . n 
A 1 2 BRU 2 1003 1003 BRU U A . n 
A 1 3 DA  3 1004 1004 DA  A A . n 
A 1 4 DC  4 1005 1005 DC  C A . n 
A 1 5 DG  5 1006 1006 DG  G A . n 
B 2 1 DC  1 2001 2001 DC  C B . n 
B 2 2 DG  2 2002 2002 DG  G B . n 
B 2 3 BRU 3 2003 2003 BRU U B . n 
B 2 4 DA  4 2004 2004 DA  A B . n 
B 2 5 DC  5 2005 2005 DC  C B . n 
B 2 6 DG  6 2006 2006 DG  G B . n 
# 
loop_
_pdbx_nonpoly_scheme.asym_id 
_pdbx_nonpoly_scheme.entity_id 
_pdbx_nonpoly_scheme.mon_id 
_pdbx_nonpoly_scheme.ndb_seq_num 
_pdbx_nonpoly_scheme.pdb_seq_num 
_pdbx_nonpoly_scheme.auth_seq_num 
_pdbx_nonpoly_scheme.pdb_mon_id 
_pdbx_nonpoly_scheme.auth_mon_id 
_pdbx_nonpoly_scheme.pdb_strand_id 
_pdbx_nonpoly_scheme.pdb_ins_code 
C 3 CO  1  4002 4002 CO  CO  A . 
D 4 8AD 1  3014 3014 8AD 8AD A . 
E 3 CO  1  4001 4001 CO  CO  B . 
F 5 HOH 1  4006 4006 HOH HOH A . 
F 5 HOH 2  4010 4010 HOH HOH A . 
F 5 HOH 3  4016 4016 HOH HOH A . 
F 5 HOH 4  4017 4017 HOH HOH A . 
F 5 HOH 5  4018 4018 HOH HOH A . 
G 5 HOH 1  4003 4003 HOH HOH B . 
G 5 HOH 2  4004 4004 HOH HOH B . 
G 5 HOH 3  4005 4005 HOH HOH B . 
G 5 HOH 4  4007 4007 HOH HOH B . 
G 5 HOH 5  4008 4008 HOH HOH B . 
G 5 HOH 6  4009 4009 HOH HOH B . 
G 5 HOH 7  4011 4011 HOH HOH B . 
G 5 HOH 8  4012 4012 HOH HOH B . 
G 5 HOH 9  4013 4013 HOH HOH B . 
G 5 HOH 10 4014 4014 HOH HOH B . 
G 5 HOH 11 4015 4015 HOH HOH B . 
G 5 HOH 12 4019 4019 HOH HOH B . 
G 5 HOH 13 4020 4020 HOH HOH B . 
G 5 HOH 14 4021 4021 HOH HOH B . 
# 
loop_
_pdbx_unobs_or_zero_occ_atoms.id 
_pdbx_unobs_or_zero_occ_atoms.PDB_model_num 
_pdbx_unobs_or_zero_occ_atoms.polymer_flag 
_pdbx_unobs_or_zero_occ_atoms.occupancy_flag 
_pdbx_unobs_or_zero_occ_atoms.auth_asym_id 
_pdbx_unobs_or_zero_occ_atoms.auth_comp_id 
_pdbx_unobs_or_zero_occ_atoms.auth_seq_id 
_pdbx_unobs_or_zero_occ_atoms.PDB_ins_code 
_pdbx_unobs_or_zero_occ_atoms.auth_atom_id 
_pdbx_unobs_or_zero_occ_atoms.label_alt_id 
_pdbx_unobs_or_zero_occ_atoms.label_asym_id 
_pdbx_unobs_or_zero_occ_atoms.label_comp_id 
_pdbx_unobs_or_zero_occ_atoms.label_seq_id 
_pdbx_unobs_or_zero_occ_atoms.label_atom_id 
1  1 Y 0 B DC  2001 ? "O5'" ? B DC  1 "O5'" 
2  1 N 1 A 8AD 3014 ? CD1   ? D 8AD 1 CD1   
3  1 N 1 A 8AD 3014 ? OD1   ? D 8AD 1 OD1   
4  1 N 1 A 8AD 3014 ? ND1   ? D 8AD 1 ND1   
5  1 N 1 A 8AD 3014 ? ND2   ? D 8AD 1 ND2   
6  1 N 1 A 8AD 3014 ? CD2   ? D 8AD 1 CD2   
7  1 N 1 A 8AD 3014 ? CD3   ? D 8AD 1 CD3   
8  1 N 1 A 8AD 3014 ? CD4   ? D 8AD 1 CD4   
9  1 N 1 A 8AD 3014 ? CD5   ? D 8AD 1 CD5   
10 1 N 1 A 8AD 3014 ? CD7   ? D 8AD 1 CD7   
11 1 N 1 A 8AD 3014 ? CD8   ? D 8AD 1 CD8   
# 
loop_
_software.name 
_software.classification 
_software.version 
_software.citation_id 
_software.pdbx_ordinal 
SHELXL-97 refinement       . ? 1 
CNS       refinement       . ? 2 
DENZO     'data reduction' . ? 3 
SCALEPACK 'data scaling'   . ? 4 
CNS       phasing          . ? 5 
# 
_cell.entry_id           1FN1 
_cell.length_a           28.880 
_cell.length_b           53.168 
_cell.length_c           40.416 
_cell.angle_alpha        90.00 
_cell.angle_beta         90.00 
_cell.angle_gamma        90.00 
_cell.Z_PDB              8 
_cell.pdbx_unique_axis   ? 
# 
_symmetry.entry_id                         1FN1 
_symmetry.space_group_name_H-M             'C 2 2 2' 
_symmetry.pdbx_full_space_group_name_H-M   ? 
_symmetry.cell_setting                     orthorhombic 
_symmetry.Int_Tables_number                21 
# 
_exptl.entry_id          1FN1 
_exptl.method            'X-RAY DIFFRACTION' 
_exptl.crystals_number   1 
# 
_exptl_crystal.id                    1 
_exptl_crystal.density_meas          ? 
_exptl_crystal.density_percent_sol   43.0 
_exptl_crystal.density_Matthews      2.16 
_exptl_crystal.description           ? 
# 
_exptl_crystal_grow.crystal_id      1 
_exptl_crystal_grow.method          'VAPOR DIFFUSION' 
_exptl_crystal_grow.temp            285 
_exptl_crystal_grow.temp_details    ? 
_exptl_crystal_grow.pH              6.5 
_exptl_crystal_grow.pdbx_details    
'MPD, sodium cacodylate, magnesium acetate, cobalt(II) chloride, spermine, pH 6.5, VAPOR DIFFUSION, temperature 285K' 
_exptl_crystal_grow.pdbx_pH_range   ? 
# 
loop_
_exptl_crystal_grow_comp.crystal_id 
_exptl_crystal_grow_comp.id 
_exptl_crystal_grow_comp.sol_id 
_exptl_crystal_grow_comp.name 
_exptl_crystal_grow_comp.conc 
_exptl_crystal_grow_comp.volume 
_exptl_crystal_grow_comp.details 
1 1 1 'sodium cacodylate' ? ? ? 
1 2 1 'magnesium acetate' ? ? ? 
1 3 1 CoCl2               ? ? ? 
1 4 1 spermine            ? ? ? 
1 5 1 MPD                 ? ? ? 
1 6 2 MPD                 ? ? ? 
# 
_diffrn.id                     1 
_diffrn.ambient_temp           100 
_diffrn.ambient_temp_details   ? 
_diffrn.crystal_id             1 
# 
_diffrn_detector.diffrn_id              1 
_diffrn_detector.detector               CCD 
_diffrn_detector.type                   'ADSC QUANTUM 1' 
_diffrn_detector.pdbx_collection_date   1999-04-29 
_diffrn_detector.details                ? 
# 
_diffrn_radiation.diffrn_id                        1 
_diffrn_radiation.wavelength_id                    1 
_diffrn_radiation.monochromator                    ? 
_diffrn_radiation.pdbx_monochromatic_or_laue_m_l   M 
_diffrn_radiation.pdbx_diffrn_protocol             MAD 
_diffrn_radiation.pdbx_scattering_type             x-ray 
# 
_diffrn_radiation_wavelength.id           1 
_diffrn_radiation_wavelength.wavelength   0.8920 
_diffrn_radiation_wavelength.wt           1.0 
# 
_diffrn_source.diffrn_id                   1 
_diffrn_source.source                      SYNCHROTRON 
_diffrn_source.type                        'APS BEAMLINE 14-BM-D' 
_diffrn_source.pdbx_wavelength             0.8920 
_diffrn_source.pdbx_synchrotron_site       APS 
_diffrn_source.pdbx_synchrotron_beamline   14-BM-D 
_diffrn_source.pdbx_wavelength_list        ? 
# 
_reflns.entry_id                     1FN1 
_reflns.observed_criterion_sigma_I   0.0 
_reflns.observed_criterion_sigma_F   0.0 
_reflns.d_resolution_low             40.0 
_reflns.d_resolution_high            1.60 
_reflns.number_obs                   4345 
_reflns.number_all                   4345 
_reflns.percent_possible_obs         98.1 
_reflns.pdbx_Rmerge_I_obs            0.029 
_reflns.pdbx_Rsym_value              ? 
_reflns.pdbx_netI_over_sigmaI        37.0 
_reflns.B_iso_Wilson_estimate        20.3 
_reflns.pdbx_redundancy              5.0 
_reflns.R_free_details               ? 
_reflns.pdbx_diffrn_id               1 
_reflns.pdbx_ordinal                 1 
# 
_reflns_shell.d_res_high             1.60 
_reflns_shell.d_res_low              1.66 
_reflns_shell.percent_possible_obs   ? 
_reflns_shell.percent_possible_all   95.0 
_reflns_shell.Rmerge_I_obs           0.075 
_reflns_shell.meanI_over_sigI_obs    9.1 
_reflns_shell.pdbx_Rsym_value        ? 
_reflns_shell.pdbx_redundancy        1.9 
_reflns_shell.number_unique_all      739 
_reflns_shell.pdbx_diffrn_id         ? 
_reflns_shell.pdbx_ordinal           1 
# 
_refine.entry_id                                 1FN1 
_refine.ls_number_reflns_obs                     7785 
_refine.ls_number_reflns_all                     7785 
_refine.pdbx_ls_sigma_I                          0.0 
_refine.pdbx_ls_sigma_F                          0.0 
_refine.pdbx_data_cutoff_high_absF               ? 
_refine.pdbx_data_cutoff_low_absF                ? 
_refine.ls_d_res_low                             40.0 
_refine.ls_d_res_high                            1.60 
_refine.ls_percent_reflns_obs                    100.0 
_refine.ls_R_factor_obs                          0.23 
_refine.ls_R_factor_all                          0.23 
_refine.ls_R_factor_R_work                       0.23 
_refine.ls_R_factor_R_free                       0.24 
_refine.ls_R_factor_R_free_error                 ? 
_refine.ls_R_factor_R_free_error_details         ? 
_refine.ls_percent_reflns_R_free                 7.8 
_refine.ls_number_reflns_R_free                  608 
_refine.ls_number_parameters                     1123 
_refine.ls_number_restraints                     2727 
_refine.occupancy_min                            ? 
_refine.occupancy_max                            ? 
_refine.B_iso_mean                               ? 
_refine.aniso_B[1][1]                            ? 
_refine.aniso_B[2][2]                            ? 
_refine.aniso_B[3][3]                            ? 
_refine.aniso_B[1][2]                            ? 
_refine.aniso_B[1][3]                            ? 
_refine.aniso_B[2][3]                            ? 
_refine.solvent_model_details                    'MOEWS & KRETSINGER, J.MOL.BIOL.91(1973)201-228' 
_refine.solvent_model_param_ksol                 ? 
_refine.solvent_model_param_bsol                 ? 
_refine.pdbx_ls_cross_valid_method               'FREE R' 
_refine.details                                  ? 
_refine.pdbx_starting_model                      ? 
_refine.pdbx_method_to_determine_struct          MAD 
_refine.pdbx_isotropic_thermal_model             ? 
_refine.pdbx_stereochemistry_target_values       'Shelx 2000' 
_refine.pdbx_stereochem_target_val_spec_case     ? 
_refine.pdbx_R_Free_selection_details            Random 
_refine.pdbx_overall_ESU_R_Free                  ? 
_refine.overall_SU_B                             ? 
_refine.ls_redundancy_reflns_obs                 ? 
_refine.overall_SU_ML                            ? 
_refine.pdbx_overall_ESU_R                       ? 
_refine.pdbx_data_cutoff_high_rms_absF           ? 
_refine.correlation_coeff_Fo_to_Fc               ? 
_refine.correlation_coeff_Fo_to_Fc_free          ? 
_refine.overall_SU_R_Cruickshank_DPI             ? 
_refine.overall_SU_R_free                        ? 
_refine.pdbx_refine_id                           'X-RAY DIFFRACTION' 
_refine.pdbx_diffrn_id                           1 
_refine.pdbx_TLS_residual_ADP_flag               ? 
_refine.pdbx_solvent_vdw_probe_radii             ? 
_refine.pdbx_solvent_ion_probe_radii             ? 
_refine.pdbx_solvent_shrinkage_radii             ? 
_refine.pdbx_overall_phase_error                 ? 
_refine.pdbx_overall_SU_R_free_Cruickshank_DPI   ? 
_refine.pdbx_overall_SU_R_Blow_DPI               ? 
_refine.pdbx_overall_SU_R_free_Blow_DPI          ? 
# 
_refine_analyze.entry_id                        1FN1 
_refine_analyze.Luzzati_coordinate_error_obs    ? 
_refine_analyze.Luzzati_sigma_a_obs             ? 
_refine_analyze.Luzzati_d_res_low_obs           ? 
_refine_analyze.Luzzati_coordinate_error_free   ? 
_refine_analyze.Luzzati_sigma_a_free            ? 
_refine_analyze.Luzzati_d_res_low_free          ? 
_refine_analyze.number_disordered_residues      ? 
_refine_analyze.occupancy_sum_hydrogen          0 
_refine_analyze.occupancy_sum_non_hydrogen      251.75 
_refine_analyze.pdbx_refine_id                  'X-RAY DIFFRACTION' 
# 
_refine_hist.pdbx_refine_id                   'X-RAY DIFFRACTION' 
_refine_hist.cycle_id                         LAST 
_refine_hist.pdbx_number_atoms_protein        0 
_refine_hist.pdbx_number_atoms_nucleic_acid   222 
_refine_hist.pdbx_number_atoms_ligand         34 
_refine_hist.number_atoms_solvent             19 
_refine_hist.number_atoms_total               275 
_refine_hist.d_res_high                       1.60 
_refine_hist.d_res_low                        40.0 
# 
loop_
_refine_ls_restr.type 
_refine_ls_restr.dev_ideal 
_refine_ls_restr.dev_ideal_target 
_refine_ls_restr.number 
_refine_ls_restr.weight 
_refine_ls_restr.pdbx_refine_id 
_refine_ls_restr.pdbx_restraint_function 
s_angle_d              0.025  ? ? ? 'X-RAY DIFFRACTION' ? 
s_bond_d               0.010  ? ? ? 'X-RAY DIFFRACTION' ? 
s_similar_dist         0.038  ? ? ? 'X-RAY DIFFRACTION' ? 
s_from_restr_planes    0.0145 ? ? ? 'X-RAY DIFFRACTION' ? 
s_zero_chiral_vol      0.000  ? ? ? 'X-RAY DIFFRACTION' ? 
s_non_zero_chiral_vol  0.010  ? ? ? 'X-RAY DIFFRACTION' ? 
s_anti_bump_dis_restr  0.010  ? ? ? 'X-RAY DIFFRACTION' ? 
s_rigid_bond_adp_cmpnt 0.000  ? ? ? 'X-RAY DIFFRACTION' ? 
s_similar_adp_cmpnt    0.075  ? ? ? 'X-RAY DIFFRACTION' ? 
s_approx_iso_adps      0.000  ? ? ? 'X-RAY DIFFRACTION' ? 
# 
_pdbx_refine.entry_id                                    1FN1 
_pdbx_refine.R_factor_all_no_cutoff                      ? 
_pdbx_refine.R_factor_obs_no_cutoff                      ? 
_pdbx_refine.free_R_factor_no_cutoff                     ? 
_pdbx_refine.free_R_val_test_set_size_perc_no_cutoff     ? 
_pdbx_refine.free_R_val_test_set_ct_no_cutoff            ? 
_pdbx_refine.R_factor_all_4sig_cutoff                    0.218 
_pdbx_refine.R_factor_obs_4sig_cutoff                    ? 
_pdbx_refine.free_R_factor_4sig_cutoff                   0.238 
_pdbx_refine.free_R_val_test_set_size_perc_4sig_cutoff   7.9 
_pdbx_refine.free_R_val_test_set_ct_4sig_cutoff          568 
_pdbx_refine.number_reflns_obs_4sig_cutoff               7161 
_pdbx_refine.number_reflns_obs_no_cutoff                 ? 
_pdbx_refine.pdbx_refine_id                              'X-RAY DIFFRACTION' 
_pdbx_refine.free_R_error_no_cutoff                      ? 
# 
_struct.entry_id                  1FN1 
_struct.title                     
'CRYSTAL STRUCTURE OF 9-AMINO-(N-(2-DIMETHYLAMINO)BUTYL)ACRIDINE-4-CARBOXAMIDE BOUND TO D(CG(5BR)UACG)2' 
_struct.pdbx_model_details        ? 
_struct.pdbx_CASP_flag            ? 
_struct.pdbx_model_type_details   ? 
# 
_struct_keywords.entry_id        1FN1 
_struct_keywords.pdbx_keywords   DNA 
_struct_keywords.text            '9-aminoacridine-4-carboamide, hexanucleotide, intercalation, quadruplex, DNA' 
# 
loop_
_struct_asym.id 
_struct_asym.pdbx_blank_PDB_chainid_flag 
_struct_asym.pdbx_modified 
_struct_asym.entity_id 
_struct_asym.details 
A N N 1 ? 
B N N 2 ? 
C N N 3 ? 
D N N 4 ? 
E N N 3 ? 
F N N 5 ? 
G N N 5 ? 
# 
loop_
_struct_ref.id 
_struct_ref.entity_id 
_struct_ref.db_name 
_struct_ref.db_code 
_struct_ref.pdbx_db_accession 
_struct_ref.pdbx_db_isoform 
_struct_ref.pdbx_seq_one_letter_code 
_struct_ref.pdbx_align_begin 
1 1 PDB 1FN1 1FN1 ? ? ? 
2 2 PDB 1FN1 1FN1 ? ? ? 
# 
loop_
_struct_ref_seq.align_id 
_struct_ref_seq.ref_id 
_struct_ref_seq.pdbx_PDB_id_code 
_struct_ref_seq.pdbx_strand_id 
_struct_ref_seq.seq_align_beg 
_struct_ref_seq.pdbx_seq_align_beg_ins_code 
_struct_ref_seq.seq_align_end 
_struct_ref_seq.pdbx_seq_align_end_ins_code 
_struct_ref_seq.pdbx_db_accession 
_struct_ref_seq.db_align_beg 
_struct_ref_seq.pdbx_db_align_beg_ins_code 
_struct_ref_seq.db_align_end 
_struct_ref_seq.pdbx_db_align_end_ins_code 
_struct_ref_seq.pdbx_auth_seq_align_beg 
_struct_ref_seq.pdbx_auth_seq_align_end 
1 1 1FN1 A 1 ? 5 ? 1FN1 1002 ? 1006 ? 1002 1006 
2 2 1FN1 B 1 ? 6 ? 1FN1 2001 ? 2006 ? 2001 2006 
# 
_pdbx_struct_assembly.id                   1 
_pdbx_struct_assembly.details              author_defined_assembly 
_pdbx_struct_assembly.method_details       ? 
_pdbx_struct_assembly.oligomeric_details   dimeric 
_pdbx_struct_assembly.oligomeric_count     2 
# 
_pdbx_struct_assembly_gen.assembly_id       1 
_pdbx_struct_assembly_gen.oper_expression   1 
_pdbx_struct_assembly_gen.asym_id_list      A,B,C,D,E,F,G 
# 
_pdbx_struct_oper_list.id                   1 
_pdbx_struct_oper_list.type                 'identity operation' 
_pdbx_struct_oper_list.name                 1_555 
_pdbx_struct_oper_list.symmetry_operation   x,y,z 
_pdbx_struct_oper_list.matrix[1][1]         1.0000000000 
_pdbx_struct_oper_list.matrix[1][2]         0.0000000000 
_pdbx_struct_oper_list.matrix[1][3]         0.0000000000 
_pdbx_struct_oper_list.vector[1]            0.0000000000 
_pdbx_struct_oper_list.matrix[2][1]         0.0000000000 
_pdbx_struct_oper_list.matrix[2][2]         1.0000000000 
_pdbx_struct_oper_list.matrix[2][3]         0.0000000000 
_pdbx_struct_oper_list.vector[2]            0.0000000000 
_pdbx_struct_oper_list.matrix[3][1]         0.0000000000 
_pdbx_struct_oper_list.matrix[3][2]         0.0000000000 
_pdbx_struct_oper_list.matrix[3][3]         1.0000000000 
_pdbx_struct_oper_list.vector[3]            0.0000000000 
# 
_struct_biol.id                    1 
_struct_biol.pdbx_parent_biol_id   ? 
_struct_biol.details               ? 
# 
loop_
_struct_conn.id 
_struct_conn.conn_type_id 
_struct_conn.pdbx_leaving_atom_flag 
_struct_conn.pdbx_PDB_id 
_struct_conn.ptnr1_label_asym_id 
_struct_conn.ptnr1_label_comp_id 
_struct_conn.ptnr1_label_seq_id 
_struct_conn.ptnr1_label_atom_id 
_struct_conn.pdbx_ptnr1_label_alt_id 
_struct_conn.pdbx_ptnr1_PDB_ins_code 
_struct_conn.pdbx_ptnr1_standard_comp_id 
_struct_conn.ptnr1_symmetry 
_struct_conn.ptnr2_label_asym_id 
_struct_conn.ptnr2_label_comp_id 
_struct_conn.ptnr2_label_seq_id 
_struct_conn.ptnr2_label_atom_id 
_struct_conn.pdbx_ptnr2_label_alt_id 
_struct_conn.pdbx_ptnr2_PDB_ins_code 
_struct_conn.ptnr1_auth_asym_id 
_struct_conn.ptnr1_auth_comp_id 
_struct_conn.ptnr1_auth_seq_id 
_struct_conn.ptnr2_auth_asym_id 
_struct_conn.ptnr2_auth_comp_id 
_struct_conn.ptnr2_auth_seq_id 
_struct_conn.ptnr2_symmetry 
_struct_conn.pdbx_ptnr3_label_atom_id 
_struct_conn.pdbx_ptnr3_label_seq_id 
_struct_conn.pdbx_ptnr3_label_comp_id 
_struct_conn.pdbx_ptnr3_label_asym_id 
_struct_conn.pdbx_ptnr3_label_alt_id 
_struct_conn.pdbx_ptnr3_PDB_ins_code 
_struct_conn.details 
_struct_conn.pdbx_dist_value 
_struct_conn.pdbx_value_order 
_struct_conn.pdbx_role 
covale1  covale both ? A DG  1 "O3'" ? ? ? 1_555 A BRU 2 P  ? ? A DG  1002 A BRU 1003 1_555 ? ? ? ? ? ? ?            1.688 ? ? 
covale2  covale both ? A BRU 2 "O3'" ? ? ? 1_555 A DA  3 P  ? ? A BRU 1003 A DA  1004 1_555 ? ? ? ? ? ? ?            1.643 ? ? 
covale3  covale both ? B DG  2 "O3'" ? ? ? 1_555 B BRU 3 P  ? ? B DG  2002 B BRU 2003 1_555 ? ? ? ? ? ? ?            1.663 ? ? 
covale4  covale both ? B BRU 3 "O3'" ? ? ? 1_555 B DA  4 P  ? ? B BRU 2003 B DA  2004 1_555 ? ? ? ? ? ? ?            1.690 ? ? 
metalc1  metalc ?    ? A DG  1 N7    ? ? ? 1_555 C CO  . CO ? ? A DG  1002 A CO  4002 1_555 ? ? ? ? ? ? ?            2.096 ? ? 
metalc2  metalc ?    ? B DG  6 N7    ? ? ? 1_555 E CO  . CO ? ? B DG  2006 B CO  4001 1_555 ? ? ? ? ? ? ?            2.195 ? ? 
metalc3  metalc ?    ? E CO  . CO    ? ? ? 1_555 G HOH . O  ? ? B CO  4001 B HOH 4007 1_555 ? ? ? ? ? ? ?            2.261 ? ? 
metalc4  metalc ?    ? E CO  . CO    ? ? ? 1_555 G HOH . O  ? ? B CO  4001 B HOH 4009 1_555 ? ? ? ? ? ? ?            1.809 ? ? 
hydrog1  hydrog ?    ? A DG  1 N1    ? ? ? 1_555 B DC  5 N3 ? ? A DG  1002 B DC  2005 1_555 ? ? ? ? ? ? WATSON-CRICK ?     ? ? 
hydrog2  hydrog ?    ? A DG  1 N2    ? ? ? 1_555 B DC  5 O2 ? ? A DG  1002 B DC  2005 1_555 ? ? ? ? ? ? WATSON-CRICK ?     ? ? 
hydrog3  hydrog ?    ? A DG  1 O6    ? ? ? 1_555 B DC  5 N4 ? ? A DG  1002 B DC  2005 1_555 ? ? ? ? ? ? WATSON-CRICK ?     ? ? 
hydrog4  hydrog ?    ? A BRU 2 N3    ? ? ? 1_555 B DA  4 N1 ? ? A BRU 1003 B DA  2004 1_555 ? ? ? ? ? ? WATSON-CRICK ?     ? ? 
hydrog5  hydrog ?    ? A BRU 2 O4    ? ? ? 1_555 B DA  4 N6 ? ? A BRU 1003 B DA  2004 1_555 ? ? ? ? ? ? WATSON-CRICK ?     ? ? 
hydrog6  hydrog ?    ? A DA  3 N1    ? ? ? 1_555 B BRU 3 N3 ? ? A DA  1004 B BRU 2003 1_555 ? ? ? ? ? ? WATSON-CRICK ?     ? ? 
hydrog7  hydrog ?    ? A DA  3 N6    ? ? ? 1_555 B BRU 3 O4 ? ? A DA  1004 B BRU 2003 1_555 ? ? ? ? ? ? WATSON-CRICK ?     ? ? 
hydrog8  hydrog ?    ? A DC  4 N3    ? ? ? 1_555 B DG  2 N1 ? ? A DC  1005 B DG  2002 1_555 ? ? ? ? ? ? WATSON-CRICK ?     ? ? 
hydrog9  hydrog ?    ? A DC  4 N4    ? ? ? 1_555 B DG  2 O6 ? ? A DC  1005 B DG  2002 1_555 ? ? ? ? ? ? WATSON-CRICK ?     ? ? 
hydrog10 hydrog ?    ? A DC  4 O2    ? ? ? 1_555 B DG  2 N2 ? ? A DC  1005 B DG  2002 1_555 ? ? ? ? ? ? WATSON-CRICK ?     ? ? 
# 
loop_
_struct_conn_type.id 
_struct_conn_type.criteria 
_struct_conn_type.reference 
covale ? ? 
metalc ? ? 
hydrog ? ? 
# 
loop_
_pdbx_struct_conn_angle.id 
_pdbx_struct_conn_angle.ptnr1_label_atom_id 
_pdbx_struct_conn_angle.ptnr1_label_alt_id 
_pdbx_struct_conn_angle.ptnr1_label_asym_id 
_pdbx_struct_conn_angle.ptnr1_label_comp_id 
_pdbx_struct_conn_angle.ptnr1_label_seq_id 
_pdbx_struct_conn_angle.ptnr1_auth_atom_id 
_pdbx_struct_conn_angle.ptnr1_auth_asym_id 
_pdbx_struct_conn_angle.ptnr1_auth_comp_id 
_pdbx_struct_conn_angle.ptnr1_auth_seq_id 
_pdbx_struct_conn_angle.ptnr1_PDB_ins_code 
_pdbx_struct_conn_angle.ptnr1_symmetry 
_pdbx_struct_conn_angle.ptnr2_label_atom_id 
_pdbx_struct_conn_angle.ptnr2_label_alt_id 
_pdbx_struct_conn_angle.ptnr2_label_asym_id 
_pdbx_struct_conn_angle.ptnr2_label_comp_id 
_pdbx_struct_conn_angle.ptnr2_label_seq_id 
_pdbx_struct_conn_angle.ptnr2_auth_atom_id 
_pdbx_struct_conn_angle.ptnr2_auth_asym_id 
_pdbx_struct_conn_angle.ptnr2_auth_comp_id 
_pdbx_struct_conn_angle.ptnr2_auth_seq_id 
_pdbx_struct_conn_angle.ptnr2_PDB_ins_code 
_pdbx_struct_conn_angle.ptnr2_symmetry 
_pdbx_struct_conn_angle.ptnr3_label_atom_id 
_pdbx_struct_conn_angle.ptnr3_label_alt_id 
_pdbx_struct_conn_angle.ptnr3_label_asym_id 
_pdbx_struct_conn_angle.ptnr3_label_comp_id 
_pdbx_struct_conn_angle.ptnr3_label_seq_id 
_pdbx_struct_conn_angle.ptnr3_auth_atom_id 
_pdbx_struct_conn_angle.ptnr3_auth_asym_id 
_pdbx_struct_conn_angle.ptnr3_auth_comp_id 
_pdbx_struct_conn_angle.ptnr3_auth_seq_id 
_pdbx_struct_conn_angle.ptnr3_PDB_ins_code 
_pdbx_struct_conn_angle.ptnr3_symmetry 
_pdbx_struct_conn_angle.value 
_pdbx_struct_conn_angle.value_esd 
1 N7 ? B DG  6 ? B DG  2006 ? 1_555 CO ? E CO . ? B CO 4001 ? 1_555 O ? G HOH . ? B HOH 4007 ? 1_555 85.9 ? 
2 N7 ? B DG  6 ? B DG  2006 ? 1_555 CO ? E CO . ? B CO 4001 ? 1_555 O ? G HOH . ? B HOH 4009 ? 1_555 93.3 ? 
3 O  ? G HOH . ? B HOH 4007 ? 1_555 CO ? E CO . ? B CO 4001 ? 1_555 O ? G HOH . ? B HOH 4009 ? 1_555 75.3 ? 
# 
loop_
_struct_site.id 
_struct_site.pdbx_evidence_code 
_struct_site.pdbx_auth_asym_id 
_struct_site.pdbx_auth_comp_id 
_struct_site.pdbx_auth_seq_id 
_struct_site.pdbx_auth_ins_code 
_struct_site.pdbx_num_residues 
_struct_site.details 
AC1 Software B CO  4001 ? 6 'BINDING SITE FOR RESIDUE CO B 4001'  
AC2 Software A CO  4002 ? 1 'BINDING SITE FOR RESIDUE CO A 4002'  
AC3 Software A 8AD 3014 ? 5 'BINDING SITE FOR RESIDUE 8AD A 3014' 
1   ?        ? ?   ?    ? ? ?                                     
# 
loop_
_struct_site_gen.id 
_struct_site_gen.site_id 
_struct_site_gen.pdbx_num_res 
_struct_site_gen.label_comp_id 
_struct_site_gen.label_asym_id 
_struct_site_gen.label_seq_id 
_struct_site_gen.pdbx_auth_ins_code 
_struct_site_gen.auth_comp_id 
_struct_site_gen.auth_asym_id 
_struct_site_gen.auth_seq_id 
_struct_site_gen.label_atom_id 
_struct_site_gen.label_alt_id 
_struct_site_gen.symmetry 
_struct_site_gen.details 
1  AC1 6 DG  B 6 ? DG  B 2006 . ? 1_555 ? 
2  AC1 6 DG  B 6 ? DG  B 2006 . ? 3_756 ? 
3  AC1 6 HOH G . ? HOH B 4007 . ? 1_555 ? 
4  AC1 6 HOH G . ? HOH B 4007 . ? 3_756 ? 
5  AC1 6 HOH G . ? HOH B 4009 . ? 3_756 ? 
6  AC1 6 HOH G . ? HOH B 4009 . ? 1_555 ? 
7  AC2 1 DG  A 1 ? DG  A 1002 . ? 1_555 ? 
8  AC3 5 DC  A 4 ? DC  A 1005 . ? 1_555 ? 
9  AC3 5 DG  A 5 ? DG  A 1006 . ? 1_555 ? 
10 AC3 5 DC  B 1 ? DC  B 2001 . ? 3_655 ? 
11 AC3 5 DG  B 2 ? DG  B 2002 . ? 2_665 ? 
12 AC3 5 DG  B 2 ? DG  B 2002 . ? 1_555 ? 
# 
loop_
_pdbx_validate_rmsd_bond.id 
_pdbx_validate_rmsd_bond.PDB_model_num 
_pdbx_validate_rmsd_bond.auth_atom_id_1 
_pdbx_validate_rmsd_bond.auth_asym_id_1 
_pdbx_validate_rmsd_bond.auth_comp_id_1 
_pdbx_validate_rmsd_bond.auth_seq_id_1 
_pdbx_validate_rmsd_bond.PDB_ins_code_1 
_pdbx_validate_rmsd_bond.label_alt_id_1 
_pdbx_validate_rmsd_bond.auth_atom_id_2 
_pdbx_validate_rmsd_bond.auth_asym_id_2 
_pdbx_validate_rmsd_bond.auth_comp_id_2 
_pdbx_validate_rmsd_bond.auth_seq_id_2 
_pdbx_validate_rmsd_bond.PDB_ins_code_2 
_pdbx_validate_rmsd_bond.label_alt_id_2 
_pdbx_validate_rmsd_bond.bond_value 
_pdbx_validate_rmsd_bond.bond_target_value 
_pdbx_validate_rmsd_bond.bond_deviation 
_pdbx_validate_rmsd_bond.bond_standard_deviation 
_pdbx_validate_rmsd_bond.linker_flag 
1  1 "C5'" A DG  1002 ? ? "C4'" A DG  1002 ? ? 1.575 1.512 0.063  0.007 N 
2  1 "O4'" A DG  1002 ? ? "C1'" A DG  1002 ? ? 1.491 1.420 0.071  0.011 N 
3  1 "O3'" A DG  1002 ? ? "C3'" A DG  1002 ? ? 1.335 1.419 -0.084 0.006 N 
4  1 "O3'" A DG  1002 ? ? P     A BRU 1003 ? ? 1.688 1.607 0.081  0.012 Y 
5  1 "C5'" A DA  1004 ? ? "C4'" A DA  1004 ? ? 1.572 1.512 0.060  0.007 N 
6  1 "O3'" A DA  1004 ? ? "C3'" A DA  1004 ? ? 1.320 1.419 -0.099 0.006 N 
7  1 "C5'" A DC  1005 ? ? "C4'" A DC  1005 ? ? 1.585 1.512 0.073  0.007 N 
8  1 "O3'" A DC  1005 ? ? "C3'" A DC  1005 ? ? 1.310 1.419 -0.109 0.006 N 
9  1 "C5'" A DG  1006 ? ? "C4'" A DG  1006 ? ? 1.579 1.512 0.067  0.007 N 
10 1 "O4'" A DG  1006 ? ? "C1'" A DG  1006 ? ? 1.487 1.420 0.067  0.011 N 
11 1 "O3'" A DG  1006 ? ? "C3'" A DG  1006 ? ? 1.330 1.419 -0.089 0.006 N 
12 1 "C5'" B DC  2001 ? ? "C4'" B DC  2001 ? ? 1.582 1.512 0.070  0.007 N 
13 1 "O4'" B DC  2001 ? ? "C1'" B DC  2001 ? ? 1.496 1.420 0.076  0.011 N 
14 1 "O3'" B DC  2001 ? ? "C3'" B DC  2001 ? ? 1.321 1.419 -0.098 0.006 N 
15 1 "C5'" B DG  2002 ? ? "C4'" B DG  2002 ? ? 1.575 1.512 0.063  0.007 N 
16 1 "O4'" B DG  2002 ? ? "C1'" B DG  2002 ? ? 1.498 1.420 0.078  0.011 N 
17 1 "O3'" B DG  2002 ? ? "C3'" B DG  2002 ? ? 1.296 1.419 -0.123 0.006 N 
18 1 "O3'" B BRU 2003 ? ? P     B DA  2004 ? ? 1.690 1.607 0.083  0.012 Y 
19 1 "C5'" B DA  2004 ? ? "C4'" B DA  2004 ? ? 1.579 1.512 0.067  0.007 N 
20 1 "O3'" B DA  2004 ? ? "C3'" B DA  2004 ? ? 1.341 1.419 -0.078 0.006 N 
21 1 P     B DC  2005 ? ? OP2   B DC  2005 ? ? 1.377 1.485 -0.108 0.017 N 
22 1 "C5'" B DC  2005 ? ? "C4'" B DC  2005 ? ? 1.578 1.512 0.066  0.007 N 
23 1 "O3'" B DC  2005 ? ? "C3'" B DC  2005 ? ? 1.354 1.419 -0.065 0.006 N 
24 1 "C5'" B DG  2006 ? ? "C4'" B DG  2006 ? ? 1.586 1.512 0.074  0.007 N 
25 1 "O4'" B DG  2006 ? ? "C1'" B DG  2006 ? ? 1.500 1.420 0.080  0.011 N 
26 1 "O3'" B DG  2006 ? ? "C3'" B DG  2006 ? ? 1.355 1.419 -0.064 0.006 N 
# 
loop_
_pdbx_validate_rmsd_angle.id 
_pdbx_validate_rmsd_angle.PDB_model_num 
_pdbx_validate_rmsd_angle.auth_atom_id_1 
_pdbx_validate_rmsd_angle.auth_asym_id_1 
_pdbx_validate_rmsd_angle.auth_comp_id_1 
_pdbx_validate_rmsd_angle.auth_seq_id_1 
_pdbx_validate_rmsd_angle.PDB_ins_code_1 
_pdbx_validate_rmsd_angle.label_alt_id_1 
_pdbx_validate_rmsd_angle.auth_atom_id_2 
_pdbx_validate_rmsd_angle.auth_asym_id_2 
_pdbx_validate_rmsd_angle.auth_comp_id_2 
_pdbx_validate_rmsd_angle.auth_seq_id_2 
_pdbx_validate_rmsd_angle.PDB_ins_code_2 
_pdbx_validate_rmsd_angle.label_alt_id_2 
_pdbx_validate_rmsd_angle.auth_atom_id_3 
_pdbx_validate_rmsd_angle.auth_asym_id_3 
_pdbx_validate_rmsd_angle.auth_comp_id_3 
_pdbx_validate_rmsd_angle.auth_seq_id_3 
_pdbx_validate_rmsd_angle.PDB_ins_code_3 
_pdbx_validate_rmsd_angle.label_alt_id_3 
_pdbx_validate_rmsd_angle.angle_value 
_pdbx_validate_rmsd_angle.angle_target_value 
_pdbx_validate_rmsd_angle.angle_deviation 
_pdbx_validate_rmsd_angle.angle_standard_deviation 
_pdbx_validate_rmsd_angle.linker_flag 
1  1 "O5'" A DG  1002 ? ? "C5'" A DG  1002 ? ? "C4'" A DG 1002 ? ? 101.67 109.40 -7.73  0.80 N 
2  1 N9    A DG  1002 ? ? "C1'" A DG  1002 ? ? "C2'" A DG 1002 ? ? 125.55 114.30 11.25  1.40 N 
3  1 "O4'" A DG  1002 ? ? "C1'" A DG  1002 ? ? N9    A DG 1002 ? ? 98.88  108.00 -9.12  0.70 N 
4  1 "C3'" A BRU 1003 ? ? "O3'" A BRU 1003 ? ? P     A DA 1004 ? ? 128.31 119.70 8.61   1.20 Y 
5  1 OP1   A DA  1004 ? ? P     A DA  1004 ? ? OP2   A DA 1004 ? ? 128.88 119.60 9.28   1.50 N 
6  1 "O5'" A DA  1004 ? ? "C5'" A DA  1004 ? ? "C4'" A DA 1004 ? ? 102.65 109.40 -6.75  0.80 N 
7  1 P     A DA  1004 ? ? "O5'" A DA  1004 ? ? "C5'" A DA 1004 ? ? 108.92 120.90 -11.98 1.60 N 
8  1 "O4'" A DA  1004 ? ? "C1'" A DA  1004 ? ? N9    A DA 1004 ? ? 102.94 108.00 -5.06  0.70 N 
9  1 OP1   A DC  1005 ? ? P     A DC  1005 ? ? OP2   A DC 1005 ? ? 130.15 119.60 10.55  1.50 N 
10 1 "O5'" A DC  1005 ? ? "C5'" A DC  1005 ? ? "C4'" A DC 1005 ? ? 97.25  109.40 -12.15 0.80 N 
11 1 "C1'" A DC  1005 ? ? "O4'" A DC  1005 ? ? "C4'" A DC 1005 ? ? 103.36 110.10 -6.74  1.00 N 
12 1 "O5'" A DG  1006 ? ? "C5'" A DG  1006 ? ? "C4'" A DG 1006 ? ? 103.31 109.40 -6.09  0.80 N 
13 1 "O4'" A DG  1006 ? ? "C1'" A DG  1006 ? ? N9    A DG 1006 ? ? 101.96 108.00 -6.04  0.70 N 
14 1 C8    A DG  1006 ? ? N9    A DG  1006 ? ? C4    A DG 1006 ? ? 103.66 106.40 -2.74  0.40 N 
15 1 N3    A DG  1006 ? ? C4    A DG  1006 ? ? N9    A DG 1006 ? ? 121.95 126.00 -4.05  0.60 N 
16 1 N3    A DG  1006 ? ? C2    A DG  1006 ? ? N2    A DG 1006 ? ? 115.29 119.90 -4.61  0.70 N 
17 1 "O5'" B DC  2001 ? ? "C5'" B DC  2001 ? ? "C4'" B DC 2001 ? ? 101.95 109.40 -7.45  0.80 N 
18 1 C6    B DC  2001 ? ? N1    B DC  2001 ? ? C2    B DC 2001 ? ? 117.68 120.30 -2.62  0.40 N 
19 1 N1    B DC  2001 ? ? C2    B DC  2001 ? ? O2    B DC 2001 ? ? 114.80 118.90 -4.10  0.60 N 
20 1 "C3'" B DC  2001 ? ? "O3'" B DC  2001 ? ? P     B DG 2002 ? ? 106.75 119.70 -12.95 1.20 Y 
21 1 P     B DG  2002 ? ? "O5'" B DG  2002 ? ? "C5'" B DG 2002 ? ? 100.41 120.90 -20.49 1.60 N 
22 1 N9    B DG  2002 ? ? "C1'" B DG  2002 ? ? "C2'" B DG 2002 ? ? 122.72 114.30 8.42   1.40 N 
23 1 "O4'" B DG  2002 ? ? "C1'" B DG  2002 ? ? N9    B DG 2002 ? ? 101.88 108.00 -6.12  0.70 N 
24 1 N3    B DG  2002 ? ? C4    B DG  2002 ? ? N9    B DG 2002 ? ? 122.16 126.00 -3.84  0.60 N 
25 1 OP1   B DA  2004 ? ? P     B DA  2004 ? ? OP2   B DA 2004 ? ? 131.66 119.60 12.06  1.50 N 
26 1 "O5'" B DA  2004 ? ? "C5'" B DA  2004 ? ? "C4'" B DA 2004 ? ? 102.77 109.40 -6.63  0.80 N 
27 1 "O5'" B DC  2005 ? ? "C5'" B DC  2005 ? ? "C4'" B DC 2005 ? ? 103.07 109.40 -6.33  0.80 N 
28 1 "O5'" B DG  2006 ? ? "C5'" B DG  2006 ? ? "C4'" B DG 2006 ? ? 102.74 109.40 -6.66  0.80 N 
29 1 N9    B DG  2006 ? ? "C1'" B DG  2006 ? ? "C2'" B DG 2006 ? ? 124.15 114.30 9.85   1.40 N 
30 1 "O4'" B DG  2006 ? ? "C1'" B DG  2006 ? ? N9    B DG 2006 ? ? 101.55 108.00 -6.45  0.70 N 
# 
loop_
_pdbx_struct_mod_residue.id 
_pdbx_struct_mod_residue.label_asym_id 
_pdbx_struct_mod_residue.label_comp_id 
_pdbx_struct_mod_residue.label_seq_id 
_pdbx_struct_mod_residue.auth_asym_id 
_pdbx_struct_mod_residue.auth_comp_id 
_pdbx_struct_mod_residue.auth_seq_id 
_pdbx_struct_mod_residue.PDB_ins_code 
_pdbx_struct_mod_residue.parent_comp_id 
_pdbx_struct_mod_residue.details 
1 A BRU 2 A BRU 1003 ? DU ? 
2 B BRU 3 B BRU 2003 ? DU ? 
# 
_struct_site_keywords.site_id   1 
_struct_site_keywords.text      INTERCALATION 
# 
loop_
_pdbx_struct_special_symmetry.id 
_pdbx_struct_special_symmetry.PDB_model_num 
_pdbx_struct_special_symmetry.auth_asym_id 
_pdbx_struct_special_symmetry.auth_comp_id 
_pdbx_struct_special_symmetry.auth_seq_id 
_pdbx_struct_special_symmetry.PDB_ins_code 
_pdbx_struct_special_symmetry.label_asym_id 
_pdbx_struct_special_symmetry.label_comp_id 
_pdbx_struct_special_symmetry.label_seq_id 
1 1 A 8AD 3014 ? D 8AD . 
2 1 B CO  4001 ? E CO  . 
3 1 A HOH 4016 ? F HOH . 
4 1 A HOH 4018 ? F HOH . 
5 1 B HOH 4003 ? G HOH . 
# 
loop_
_chem_comp_atom.comp_id 
_chem_comp_atom.atom_id 
_chem_comp_atom.type_symbol 
_chem_comp_atom.pdbx_aromatic_flag 
_chem_comp_atom.pdbx_stereo_config 
_chem_comp_atom.pdbx_ordinal 
8AD C1     C  Y N 1   
8AD C2     C  Y N 2   
8AD C3     C  Y N 3   
8AD C4     C  Y N 4   
8AD C5     C  Y N 5   
8AD C6     C  Y N 6   
8AD C7     C  Y N 7   
8AD C8     C  Y N 8   
8AD C9     C  Y N 9   
8AD N10    N  Y N 10  
8AD C11    C  Y N 11  
8AD C12    C  Y N 12  
8AD C13    C  Y N 13  
8AD C14    C  Y N 14  
8AD N9     N  N N 15  
8AD CD1    C  N N 16  
8AD OD1    O  N N 17  
8AD ND1    N  N N 18  
8AD ND2    N  N N 19  
8AD CD2    C  N N 20  
8AD CD3    C  N N 21  
8AD CD4    C  N N 22  
8AD CD5    C  N N 23  
8AD CD7    C  N N 24  
8AD CD8    C  N N 25  
8AD H1     H  N N 26  
8AD H2     H  N N 27  
8AD H3     H  N N 28  
8AD H5     H  N N 29  
8AD H6     H  N N 30  
8AD H7     H  N N 31  
8AD H8     H  N N 32  
8AD H9A    H  N N 33  
8AD H9B    H  N N 34  
8AD HD1    H  N N 35  
8AD HD21   H  N N 36  
8AD HD22   H  N N 37  
8AD HD31   H  N N 38  
8AD HD32   H  N N 39  
8AD HD41   H  N N 40  
8AD HD42   H  N N 41  
8AD HD51   H  N N 42  
8AD HD52   H  N N 43  
8AD HD71   H  N N 44  
8AD HD72   H  N N 45  
8AD HD73   H  N N 46  
8AD HD81   H  N N 47  
8AD HD82   H  N N 48  
8AD HD83   H  N N 49  
BRU N1     N  N N 50  
BRU C2     C  N N 51  
BRU N3     N  N N 52  
BRU C4     C  N N 53  
BRU C5     C  N N 54  
BRU C6     C  N N 55  
BRU O2     O  N N 56  
BRU O4     O  N N 57  
BRU BR     BR N N 58  
BRU "C1'"  C  N R 59  
BRU "C2'"  C  N N 60  
BRU "C3'"  C  N S 61  
BRU "C4'"  C  N R 62  
BRU "O3'"  O  N N 63  
BRU "O4'"  O  N N 64  
BRU "C5'"  C  N N 65  
BRU "O5'"  O  N N 66  
BRU P      P  N N 67  
BRU OP1    O  N N 68  
BRU OP2    O  N N 69  
BRU OP3    O  N N 70  
BRU HN3    H  N N 71  
BRU H6     H  N N 72  
BRU "H1'"  H  N N 73  
BRU "H2'"  H  N N 74  
BRU "H2''" H  N N 75  
BRU "H3'"  H  N N 76  
BRU "H4'"  H  N N 77  
BRU "HO3'" H  N N 78  
BRU "H5'"  H  N N 79  
BRU "H5''" H  N N 80  
BRU HOP2   H  N N 81  
BRU HOP3   H  N N 82  
CO  CO     CO N N 83  
DA  OP3    O  N N 84  
DA  P      P  N N 85  
DA  OP1    O  N N 86  
DA  OP2    O  N N 87  
DA  "O5'"  O  N N 88  
DA  "C5'"  C  N N 89  
DA  "C4'"  C  N R 90  
DA  "O4'"  O  N N 91  
DA  "C3'"  C  N S 92  
DA  "O3'"  O  N N 93  
DA  "C2'"  C  N N 94  
DA  "C1'"  C  N R 95  
DA  N9     N  Y N 96  
DA  C8     C  Y N 97  
DA  N7     N  Y N 98  
DA  C5     C  Y N 99  
DA  C6     C  Y N 100 
DA  N6     N  N N 101 
DA  N1     N  Y N 102 
DA  C2     C  Y N 103 
DA  N3     N  Y N 104 
DA  C4     C  Y N 105 
DA  HOP3   H  N N 106 
DA  HOP2   H  N N 107 
DA  "H5'"  H  N N 108 
DA  "H5''" H  N N 109 
DA  "H4'"  H  N N 110 
DA  "H3'"  H  N N 111 
DA  "HO3'" H  N N 112 
DA  "H2'"  H  N N 113 
DA  "H2''" H  N N 114 
DA  "H1'"  H  N N 115 
DA  H8     H  N N 116 
DA  H61    H  N N 117 
DA  H62    H  N N 118 
DA  H2     H  N N 119 
DC  OP3    O  N N 120 
DC  P      P  N N 121 
DC  OP1    O  N N 122 
DC  OP2    O  N N 123 
DC  "O5'"  O  N N 124 
DC  "C5'"  C  N N 125 
DC  "C4'"  C  N R 126 
DC  "O4'"  O  N N 127 
DC  "C3'"  C  N S 128 
DC  "O3'"  O  N N 129 
DC  "C2'"  C  N N 130 
DC  "C1'"  C  N R 131 
DC  N1     N  N N 132 
DC  C2     C  N N 133 
DC  O2     O  N N 134 
DC  N3     N  N N 135 
DC  C4     C  N N 136 
DC  N4     N  N N 137 
DC  C5     C  N N 138 
DC  C6     C  N N 139 
DC  HOP3   H  N N 140 
DC  HOP2   H  N N 141 
DC  "H5'"  H  N N 142 
DC  "H5''" H  N N 143 
DC  "H4'"  H  N N 144 
DC  "H3'"  H  N N 145 
DC  "HO3'" H  N N 146 
DC  "H2'"  H  N N 147 
DC  "H2''" H  N N 148 
DC  "H1'"  H  N N 149 
DC  H41    H  N N 150 
DC  H42    H  N N 151 
DC  H5     H  N N 152 
DC  H6     H  N N 153 
DG  OP3    O  N N 154 
DG  P      P  N N 155 
DG  OP1    O  N N 156 
DG  OP2    O  N N 157 
DG  "O5'"  O  N N 158 
DG  "C5'"  C  N N 159 
DG  "C4'"  C  N R 160 
DG  "O4'"  O  N N 161 
DG  "C3'"  C  N S 162 
DG  "O3'"  O  N N 163 
DG  "C2'"  C  N N 164 
DG  "C1'"  C  N R 165 
DG  N9     N  Y N 166 
DG  C8     C  Y N 167 
DG  N7     N  Y N 168 
DG  C5     C  Y N 169 
DG  C6     C  N N 170 
DG  O6     O  N N 171 
DG  N1     N  N N 172 
DG  C2     C  N N 173 
DG  N2     N  N N 174 
DG  N3     N  N N 175 
DG  C4     C  Y N 176 
DG  HOP3   H  N N 177 
DG  HOP2   H  N N 178 
DG  "H5'"  H  N N 179 
DG  "H5''" H  N N 180 
DG  "H4'"  H  N N 181 
DG  "H3'"  H  N N 182 
DG  "HO3'" H  N N 183 
DG  "H2'"  H  N N 184 
DG  "H2''" H  N N 185 
DG  "H1'"  H  N N 186 
DG  H8     H  N N 187 
DG  H1     H  N N 188 
DG  H21    H  N N 189 
DG  H22    H  N N 190 
HOH O      O  N N 191 
HOH H1     H  N N 192 
HOH H2     H  N N 193 
# 
loop_
_chem_comp_bond.comp_id 
_chem_comp_bond.atom_id_1 
_chem_comp_bond.atom_id_2 
_chem_comp_bond.value_order 
_chem_comp_bond.pdbx_aromatic_flag 
_chem_comp_bond.pdbx_stereo_config 
_chem_comp_bond.pdbx_ordinal 
8AD C1    C2     doub Y N 1   
8AD C1    C11    sing Y N 2   
8AD C1    H1     sing N N 3   
8AD C2    C3     sing Y N 4   
8AD C2    H2     sing N N 5   
8AD C3    C4     doub Y N 6   
8AD C3    H3     sing N N 7   
8AD C4    C12    sing Y N 8   
8AD C4    CD1    sing N N 9   
8AD C5    C6     doub Y N 10  
8AD C5    C14    sing Y N 11  
8AD C5    H5     sing N N 12  
8AD C6    C7     sing Y N 13  
8AD C6    H6     sing N N 14  
8AD C7    C8     doub Y N 15  
8AD C7    H7     sing N N 16  
8AD C8    C13    sing Y N 17  
8AD C8    H8     sing N N 18  
8AD C9    C11    doub Y N 19  
8AD C9    C13    sing Y N 20  
8AD C9    N9     sing N N 21  
8AD N10   C12    doub Y N 22  
8AD N10   C14    sing Y N 23  
8AD C11   C12    sing Y N 24  
8AD C13   C14    doub Y N 25  
8AD N9    H9A    sing N N 26  
8AD N9    H9B    sing N N 27  
8AD CD1   OD1    doub N N 28  
8AD CD1   ND1    sing N N 29  
8AD ND1   CD2    sing N N 30  
8AD ND1   HD1    sing N N 31  
8AD ND2   CD5    sing N N 32  
8AD ND2   CD7    sing N N 33  
8AD ND2   CD8    sing N N 34  
8AD CD2   CD3    sing N N 35  
8AD CD2   HD21   sing N N 36  
8AD CD2   HD22   sing N N 37  
8AD CD3   CD4    sing N N 38  
8AD CD3   HD31   sing N N 39  
8AD CD3   HD32   sing N N 40  
8AD CD4   CD5    sing N N 41  
8AD CD4   HD41   sing N N 42  
8AD CD4   HD42   sing N N 43  
8AD CD5   HD51   sing N N 44  
8AD CD5   HD52   sing N N 45  
8AD CD7   HD71   sing N N 46  
8AD CD7   HD72   sing N N 47  
8AD CD7   HD73   sing N N 48  
8AD CD8   HD81   sing N N 49  
8AD CD8   HD82   sing N N 50  
8AD CD8   HD83   sing N N 51  
BRU N1    C2     sing N N 52  
BRU N1    C6     sing N N 53  
BRU N1    "C1'"  sing N N 54  
BRU C2    N3     sing N N 55  
BRU C2    O2     doub N N 56  
BRU N3    C4     sing N N 57  
BRU N3    HN3    sing N N 58  
BRU C4    C5     sing N N 59  
BRU C4    O4     doub N N 60  
BRU C5    C6     doub N N 61  
BRU C5    BR     sing N N 62  
BRU C6    H6     sing N N 63  
BRU "C1'" "C2'"  sing N N 64  
BRU "C1'" "O4'"  sing N N 65  
BRU "C1'" "H1'"  sing N N 66  
BRU "C2'" "C3'"  sing N N 67  
BRU "C2'" "H2'"  sing N N 68  
BRU "C2'" "H2''" sing N N 69  
BRU "C3'" "C4'"  sing N N 70  
BRU "C3'" "O3'"  sing N N 71  
BRU "C3'" "H3'"  sing N N 72  
BRU "C4'" "O4'"  sing N N 73  
BRU "C4'" "C5'"  sing N N 74  
BRU "C4'" "H4'"  sing N N 75  
BRU "O3'" "HO3'" sing N N 76  
BRU "C5'" "O5'"  sing N N 77  
BRU "C5'" "H5'"  sing N N 78  
BRU "C5'" "H5''" sing N N 79  
BRU "O5'" P      sing N N 80  
BRU P     OP1    doub N N 81  
BRU P     OP2    sing N N 82  
BRU P     OP3    sing N N 83  
BRU OP2   HOP2   sing N N 84  
BRU OP3   HOP3   sing N N 85  
DA  OP3   P      sing N N 86  
DA  OP3   HOP3   sing N N 87  
DA  P     OP1    doub N N 88  
DA  P     OP2    sing N N 89  
DA  P     "O5'"  sing N N 90  
DA  OP2   HOP2   sing N N 91  
DA  "O5'" "C5'"  sing N N 92  
DA  "C5'" "C4'"  sing N N 93  
DA  "C5'" "H5'"  sing N N 94  
DA  "C5'" "H5''" sing N N 95  
DA  "C4'" "O4'"  sing N N 96  
DA  "C4'" "C3'"  sing N N 97  
DA  "C4'" "H4'"  sing N N 98  
DA  "O4'" "C1'"  sing N N 99  
DA  "C3'" "O3'"  sing N N 100 
DA  "C3'" "C2'"  sing N N 101 
DA  "C3'" "H3'"  sing N N 102 
DA  "O3'" "HO3'" sing N N 103 
DA  "C2'" "C1'"  sing N N 104 
DA  "C2'" "H2'"  sing N N 105 
DA  "C2'" "H2''" sing N N 106 
DA  "C1'" N9     sing N N 107 
DA  "C1'" "H1'"  sing N N 108 
DA  N9    C8     sing Y N 109 
DA  N9    C4     sing Y N 110 
DA  C8    N7     doub Y N 111 
DA  C8    H8     sing N N 112 
DA  N7    C5     sing Y N 113 
DA  C5    C6     sing Y N 114 
DA  C5    C4     doub Y N 115 
DA  C6    N6     sing N N 116 
DA  C6    N1     doub Y N 117 
DA  N6    H61    sing N N 118 
DA  N6    H62    sing N N 119 
DA  N1    C2     sing Y N 120 
DA  C2    N3     doub Y N 121 
DA  C2    H2     sing N N 122 
DA  N3    C4     sing Y N 123 
DC  OP3   P      sing N N 124 
DC  OP3   HOP3   sing N N 125 
DC  P     OP1    doub N N 126 
DC  P     OP2    sing N N 127 
DC  P     "O5'"  sing N N 128 
DC  OP2   HOP2   sing N N 129 
DC  "O5'" "C5'"  sing N N 130 
DC  "C5'" "C4'"  sing N N 131 
DC  "C5'" "H5'"  sing N N 132 
DC  "C5'" "H5''" sing N N 133 
DC  "C4'" "O4'"  sing N N 134 
DC  "C4'" "C3'"  sing N N 135 
DC  "C4'" "H4'"  sing N N 136 
DC  "O4'" "C1'"  sing N N 137 
DC  "C3'" "O3'"  sing N N 138 
DC  "C3'" "C2'"  sing N N 139 
DC  "C3'" "H3'"  sing N N 140 
DC  "O3'" "HO3'" sing N N 141 
DC  "C2'" "C1'"  sing N N 142 
DC  "C2'" "H2'"  sing N N 143 
DC  "C2'" "H2''" sing N N 144 
DC  "C1'" N1     sing N N 145 
DC  "C1'" "H1'"  sing N N 146 
DC  N1    C2     sing N N 147 
DC  N1    C6     sing N N 148 
DC  C2    O2     doub N N 149 
DC  C2    N3     sing N N 150 
DC  N3    C4     doub N N 151 
DC  C4    N4     sing N N 152 
DC  C4    C5     sing N N 153 
DC  N4    H41    sing N N 154 
DC  N4    H42    sing N N 155 
DC  C5    C6     doub N N 156 
DC  C5    H5     sing N N 157 
DC  C6    H6     sing N N 158 
DG  OP3   P      sing N N 159 
DG  OP3   HOP3   sing N N 160 
DG  P     OP1    doub N N 161 
DG  P     OP2    sing N N 162 
DG  P     "O5'"  sing N N 163 
DG  OP2   HOP2   sing N N 164 
DG  "O5'" "C5'"  sing N N 165 
DG  "C5'" "C4'"  sing N N 166 
DG  "C5'" "H5'"  sing N N 167 
DG  "C5'" "H5''" sing N N 168 
DG  "C4'" "O4'"  sing N N 169 
DG  "C4'" "C3'"  sing N N 170 
DG  "C4'" "H4'"  sing N N 171 
DG  "O4'" "C1'"  sing N N 172 
DG  "C3'" "O3'"  sing N N 173 
DG  "C3'" "C2'"  sing N N 174 
DG  "C3'" "H3'"  sing N N 175 
DG  "O3'" "HO3'" sing N N 176 
DG  "C2'" "C1'"  sing N N 177 
DG  "C2'" "H2'"  sing N N 178 
DG  "C2'" "H2''" sing N N 179 
DG  "C1'" N9     sing N N 180 
DG  "C1'" "H1'"  sing N N 181 
DG  N9    C8     sing Y N 182 
DG  N9    C4     sing Y N 183 
DG  C8    N7     doub Y N 184 
DG  C8    H8     sing N N 185 
DG  N7    C5     sing Y N 186 
DG  C5    C6     sing N N 187 
DG  C5    C4     doub Y N 188 
DG  C6    O6     doub N N 189 
DG  C6    N1     sing N N 190 
DG  N1    C2     sing N N 191 
DG  N1    H1     sing N N 192 
DG  C2    N2     sing N N 193 
DG  C2    N3     doub N N 194 
DG  N2    H21    sing N N 195 
DG  N2    H22    sing N N 196 
DG  N3    C4     sing N N 197 
HOH O     H1     sing N N 198 
HOH O     H2     sing N N 199 
# 
loop_
_ndb_struct_conf_na.entry_id 
_ndb_struct_conf_na.feature 
1FN1 'double helix'        
1FN1 'b-form double helix' 
# 
loop_
_ndb_struct_na_base_pair.model_number 
_ndb_struct_na_base_pair.i_label_asym_id 
_ndb_struct_na_base_pair.i_label_comp_id 
_ndb_struct_na_base_pair.i_label_seq_id 
_ndb_struct_na_base_pair.i_symmetry 
_ndb_struct_na_base_pair.j_label_asym_id 
_ndb_struct_na_base_pair.j_label_comp_id 
_ndb_struct_na_base_pair.j_label_seq_id 
_ndb_struct_na_base_pair.j_symmetry 
_ndb_struct_na_base_pair.shear 
_ndb_struct_na_base_pair.stretch 
_ndb_struct_na_base_pair.stagger 
_ndb_struct_na_base_pair.buckle 
_ndb_struct_na_base_pair.propeller 
_ndb_struct_na_base_pair.opening 
_ndb_struct_na_base_pair.pair_number 
_ndb_struct_na_base_pair.pair_name 
_ndb_struct_na_base_pair.i_auth_asym_id 
_ndb_struct_na_base_pair.i_auth_seq_id 
_ndb_struct_na_base_pair.i_PDB_ins_code 
_ndb_struct_na_base_pair.j_auth_asym_id 
_ndb_struct_na_base_pair.j_auth_seq_id 
_ndb_struct_na_base_pair.j_PDB_ins_code 
_ndb_struct_na_base_pair.hbond_type_28 
_ndb_struct_na_base_pair.hbond_type_12 
1 A DG  1 1_555 B DC  5 1_555 -0.422 -0.104 0.011  -8.993 5.109  1.438  1 A_DG1002:DC2005_B  A 1002 ? B 2005 ? 19 1 
1 A BRU 2 1_555 B DA  4 1_555 0.023  -0.122 0.225  1.924  -3.072 2.651  2 A_BRU1003:DA2004_B A 1003 ? B 2004 ? 20 1 
1 A DA  3 1_555 B BRU 3 1_555 0.159  -0.139 -0.111 2.674  3.639  -4.728 3 A_DA1004:BRU2003_B A 1004 ? B 2003 ? 20 1 
1 A DC  4 1_555 B DG  2 1_555 0.355  -0.071 -0.166 13.466 -1.144 3.992  4 A_DC1005:DG2002_B  A 1005 ? B 2002 ? 19 1 
# 
loop_
_ndb_struct_na_base_pair_step.model_number 
_ndb_struct_na_base_pair_step.i_label_asym_id_1 
_ndb_struct_na_base_pair_step.i_label_comp_id_1 
_ndb_struct_na_base_pair_step.i_label_seq_id_1 
_ndb_struct_na_base_pair_step.i_symmetry_1 
_ndb_struct_na_base_pair_step.j_label_asym_id_1 
_ndb_struct_na_base_pair_step.j_label_comp_id_1 
_ndb_struct_na_base_pair_step.j_label_seq_id_1 
_ndb_struct_na_base_pair_step.j_symmetry_1 
_ndb_struct_na_base_pair_step.i_label_asym_id_2 
_ndb_struct_na_base_pair_step.i_label_comp_id_2 
_ndb_struct_na_base_pair_step.i_label_seq_id_2 
_ndb_struct_na_base_pair_step.i_symmetry_2 
_ndb_struct_na_base_pair_step.j_label_asym_id_2 
_ndb_struct_na_base_pair_step.j_label_comp_id_2 
_ndb_struct_na_base_pair_step.j_label_seq_id_2 
_ndb_struct_na_base_pair_step.j_symmetry_2 
_ndb_struct_na_base_pair_step.shift 
_ndb_struct_na_base_pair_step.slide 
_ndb_struct_na_base_pair_step.rise 
_ndb_struct_na_base_pair_step.tilt 
_ndb_struct_na_base_pair_step.roll 
_ndb_struct_na_base_pair_step.twist 
_ndb_struct_na_base_pair_step.x_displacement 
_ndb_struct_na_base_pair_step.y_displacement 
_ndb_struct_na_base_pair_step.helical_rise 
_ndb_struct_na_base_pair_step.inclination 
_ndb_struct_na_base_pair_step.tip 
_ndb_struct_na_base_pair_step.helical_twist 
_ndb_struct_na_base_pair_step.step_number 
_ndb_struct_na_base_pair_step.step_name 
_ndb_struct_na_base_pair_step.i_auth_asym_id_1 
_ndb_struct_na_base_pair_step.i_auth_seq_id_1 
_ndb_struct_na_base_pair_step.i_PDB_ins_code_1 
_ndb_struct_na_base_pair_step.j_auth_asym_id_1 
_ndb_struct_na_base_pair_step.j_auth_seq_id_1 
_ndb_struct_na_base_pair_step.j_PDB_ins_code_1 
_ndb_struct_na_base_pair_step.i_auth_asym_id_2 
_ndb_struct_na_base_pair_step.i_auth_seq_id_2 
_ndb_struct_na_base_pair_step.i_PDB_ins_code_2 
_ndb_struct_na_base_pair_step.j_auth_asym_id_2 
_ndb_struct_na_base_pair_step.j_auth_seq_id_2 
_ndb_struct_na_base_pair_step.j_PDB_ins_code_2 
1 A DG  1 1_555 B DC  5 1_555 A BRU 2 1_555 B DA  4 1_555 -0.148 -0.313 3.128 -1.201 3.330 27.278 -1.437 0.031  3.072 7.023  2.533 
27.502 1 AA_DG1002BRU1003:DA2004DC2005_BB  A 1002 ? B 2005 ? A 1003 ? B 2004 ? 
1 A BRU 2 1_555 B DA  4 1_555 A DA  3 1_555 B BRU 3 1_555 -0.066 -0.502 3.160 3.535  1.648 37.609 -0.980 0.540  3.117 2.547  
-5.464 37.804 2 AA_BRU1003DA1004:BRU2003DA2004_BB A 1003 ? B 2004 ? A 1004 ? B 2003 ? 
1 A DA  3 1_555 B BRU 3 1_555 A DC  4 1_555 B DG  2 1_555 1.099  -0.692 3.156 -2.260 5.173 29.599 -2.320 -2.546 2.906 10.011 4.374 
30.121 3 AA_DA1004DC1005:DG2002BRU2003_BB  A 1004 ? B 2003 ? A 1005 ? B 2002 ? 
# 
_atom_sites.entry_id                    1FN1 
_atom_sites.fract_transf_matrix[1][1]   -0.01962738 
_atom_sites.fract_transf_matrix[1][2]   0.02440462 
_atom_sites.fract_transf_matrix[1][3]   0.01476958 
_atom_sites.fract_transf_matrix[2][1]   -0.01386040 
_atom_sites.fract_transf_matrix[2][2]   -0.00380599 
_atom_sites.fract_transf_matrix[2][3]   -0.01213031 
_atom_sites.fract_transf_matrix[3][1]   -0.00911167 
_atom_sites.fract_transf_matrix[3][2]   -0.01682340 
_atom_sites.fract_transf_matrix[3][3]   0.01568971 
_atom_sites.fract_transf_vector[1]      0.604236 
_atom_sites.fract_transf_vector[2]      0.363556 
_atom_sites.fract_transf_vector[3]      0.256034 
# 
loop_
_atom_type.symbol 
BR 
C  
CO 
N  
O  
P  
# 
loop_
_atom_site.group_PDB 
_atom_site.id 
_atom_site.type_symbol 
_atom_site.label_atom_id 
_atom_site.label_alt_id 
_atom_site.label_comp_id 
_atom_site.label_asym_id 
_atom_site.label_entity_id 
_atom_site.label_seq_id 
_atom_site.pdbx_PDB_ins_code 
_atom_site.Cartn_x 
_atom_site.Cartn_y 
_atom_site.Cartn_z 
_atom_site.occupancy 
_atom_site.B_iso_or_equiv 
_atom_site.pdbx_formal_charge 
_atom_site.auth_seq_id 
_atom_site.auth_comp_id 
_atom_site.auth_asym_id 
_atom_site.auth_atom_id 
_atom_site.pdbx_PDB_model_num 
ATOM   1   P  P     . DG  A 1 1 ? 11.187 4.523   3.077   1.00 69.52 ? 1002 DG  A P     1 
ATOM   2   O  OP1   . DG  A 1 1 ? 10.553 5.477   3.886   1.00 70.93 ? 1002 DG  A OP1   1 
ATOM   3   O  OP2   . DG  A 1 1 ? 10.953 4.344   1.701   1.00 54.57 ? 1002 DG  A OP2   1 
ATOM   4   O  "O5'" . DG  A 1 1 ? 10.849 3.079   3.744   1.00 52.86 ? 1002 DG  A "O5'" 1 
ATOM   5   C  "C5'" . DG  A 1 1 ? 11.404 2.730   5.045   1.00 37.45 ? 1002 DG  A "C5'" 1 
ATOM   6   C  "C4'" . DG  A 1 1 ? 10.481 1.527   5.472   1.00 35.02 ? 1002 DG  A "C4'" 1 
ATOM   7   O  "O4'" . DG  A 1 1 ? 9.044  1.870   5.539   1.00 36.83 ? 1002 DG  A "O4'" 1 
ATOM   8   C  "C3'" . DG  A 1 1 ? 10.613 0.230   4.591   1.00 31.04 ? 1002 DG  A "C3'" 1 
ATOM   9   O  "O3'" . DG  A 1 1 ? 10.678 -0.802  5.435   1.00 36.56 ? 1002 DG  A "O3'" 1 
ATOM   10  C  "C2'" . DG  A 1 1 ? 9.364  0.315   3.754   1.00 31.25 ? 1002 DG  A "C2'" 1 
ATOM   11  C  "C1'" . DG  A 1 1 ? 8.291  0.931   4.659   1.00 29.95 ? 1002 DG  A "C1'" 1 
ATOM   12  N  N9    . DG  A 1 1 ? 7.223  1.838   4.222   1.00 27.52 ? 1002 DG  A N9    1 
ATOM   13  C  C8    . DG  A 1 1 ? 7.408  2.977   3.441   1.00 23.19 ? 1002 DG  A C8    1 
ATOM   14  N  N7    . DG  A 1 1 ? 6.299  3.613   3.191   1.00 33.91 ? 1002 DG  A N7    1 
ATOM   15  C  C5    . DG  A 1 1 ? 5.314  2.869   3.833   1.00 31.06 ? 1002 DG  A C5    1 
ATOM   16  C  C6    . DG  A 1 1 ? 3.923  3.098   3.894   1.00 19.85 ? 1002 DG  A C6    1 
ATOM   17  O  O6    . DG  A 1 1 ? 3.228  3.995   3.408   1.00 28.61 ? 1002 DG  A O6    1 
ATOM   18  N  N1    . DG  A 1 1 ? 3.262  2.104   4.651   1.00 21.90 ? 1002 DG  A N1    1 
ATOM   19  C  C2    . DG  A 1 1 ? 3.928  1.076   5.230   1.00 21.61 ? 1002 DG  A C2    1 
ATOM   20  N  N2    . DG  A 1 1 ? 3.189  0.192   5.927   1.00 24.33 ? 1002 DG  A N2    1 
ATOM   21  N  N3    . DG  A 1 1 ? 5.220  0.863   5.172   1.00 26.16 ? 1002 DG  A N3    1 
ATOM   22  C  C4    . DG  A 1 1 ? 5.876  1.783   4.465   1.00 25.47 ? 1002 DG  A C4    1 
HETATM 23  N  N1    . BRU A 1 2 ? 5.377  -1.669  2.682   1.00 26.57 ? 1003 BRU A N1    1 
HETATM 24  C  C2    . BRU A 1 2 ? 4.051  -1.260  2.722   1.00 26.84 ? 1003 BRU A C2    1 
HETATM 25  N  N3    . BRU A 1 2 ? 3.726  -0.153  2.027   1.00 22.47 ? 1003 BRU A N3    1 
HETATM 26  C  C4    . BRU A 1 2 ? 4.585  0.636   1.283   1.00 22.03 ? 1003 BRU A C4    1 
HETATM 27  C  C5    . BRU A 1 2 ? 5.926  0.159   1.283   1.00 27.75 ? 1003 BRU A C5    1 
HETATM 28  C  C6    . BRU A 1 2 ? 6.303  -0.943  1.956   1.00 33.22 ? 1003 BRU A C6    1 
HETATM 29  O  O2    . BRU A 1 2 ? 3.179  -1.856  3.344   1.00 24.92 ? 1003 BRU A O2    1 
HETATM 30  O  O4    . BRU A 1 2 ? 4.124  1.627   0.702   1.00 28.47 ? 1003 BRU A O4    1 
HETATM 31  BR BR    . BRU A 1 2 ? 7.225  1.115   0.306   1.00 36.17 ? 1003 BRU A BR    1 
HETATM 32  C  "C1'" . BRU A 1 2 ? 5.729  -2.840  3.410   1.00 32.44 ? 1003 BRU A "C1'" 1 
HETATM 33  C  "C2'" . BRU A 1 2 ? 6.474  -4.002  2.764   1.00 26.66 ? 1003 BRU A "C2'" 1 
HETATM 34  C  "C3'" . BRU A 1 2 ? 7.344  -4.595  3.855   1.00 31.23 ? 1003 BRU A "C3'" 1 
HETATM 35  C  "C4'" . BRU A 1 2 ? 7.360  -3.473  4.969   1.00 32.16 ? 1003 BRU A "C4'" 1 
HETATM 36  O  "O3'" . BRU A 1 2 ? 6.876  -5.667  4.492   1.00 33.75 ? 1003 BRU A "O3'" 1 
HETATM 37  O  "O4'" . BRU A 1 2 ? 6.699  -2.280  4.403   1.00 26.59 ? 1003 BRU A "O4'" 1 
HETATM 38  C  "C5'" . BRU A 1 2 ? 8.763  -3.158  5.607   1.00 25.15 ? 1003 BRU A "C5'" 1 
HETATM 39  O  "O5'" . BRU A 1 2 ? 9.563  -2.883  4.389   1.00 34.93 ? 1003 BRU A "O5'" 1 
HETATM 40  P  P     . BRU A 1 2 ? 11.033 -2.276  4.695   1.00 42.87 ? 1003 BRU A P     1 
HETATM 41  O  OP1   . BRU A 1 2 ? 11.549 -3.069  5.713   1.00 43.95 ? 1003 BRU A OP1   1 
HETATM 42  O  OP2   . BRU A 1 2 ? 11.592 -1.910  3.470   1.00 55.28 ? 1003 BRU A OP2   1 
ATOM   43  P  P     . DA  A 1 3 ? 6.360  -7.088  3.851   1.00 41.00 ? 1004 DA  A P     1 
ATOM   44  O  OP1   . DA  A 1 3 ? 6.186  -7.911  4.980   1.00 45.46 ? 1004 DA  A OP1   1 
ATOM   45  O  OP2   . DA  A 1 3 ? 7.154  -7.304  2.723   1.00 47.42 ? 1004 DA  A OP2   1 
ATOM   46  O  "O5'" . DA  A 1 3 ? 4.878  -6.795  3.253   1.00 30.37 ? 1004 DA  A "O5'" 1 
ATOM   47  C  "C5'" . DA  A 1 3 ? 3.934  -6.654  4.369   1.00 28.22 ? 1004 DA  A "C5'" 1 
ATOM   48  C  "C4'" . DA  A 1 3 ? 2.542  -6.611  3.638   1.00 26.19 ? 1004 DA  A "C4'" 1 
ATOM   49  O  "O4'" . DA  A 1 3 ? 2.327  -5.284  3.032   1.00 28.93 ? 1004 DA  A "O4'" 1 
ATOM   50  C  "C3'" . DA  A 1 3 ? 2.264  -7.732  2.557   1.00 20.50 ? 1004 DA  A "C3'" 1 
ATOM   51  O  "O3'" . DA  A 1 3 ? 1.125  -8.304  2.903   1.00 31.40 ? 1004 DA  A "O3'" 1 
ATOM   52  C  "C2'" . DA  A 1 3 ? 2.239  -6.915  1.283   1.00 24.78 ? 1004 DA  A "C2'" 1 
ATOM   53  C  "C1'" . DA  A 1 3 ? 1.797  -5.498  1.681   1.00 35.14 ? 1004 DA  A "C1'" 1 
ATOM   54  N  N9    . DA  A 1 3 ? 2.268  -4.309  0.949   1.00 26.16 ? 1004 DA  A N9    1 
ATOM   55  C  C8    . DA  A 1 3 ? 3.526  -4.015  0.521   1.00 32.46 ? 1004 DA  A C8    1 
ATOM   56  N  N7    . DA  A 1 3 ? 3.612  -2.862  -0.105  1.00 31.17 ? 1004 DA  A N7    1 
ATOM   57  C  C5    . DA  A 1 3 ? 2.326  -2.382  -0.078  1.00 22.68 ? 1004 DA  A C5    1 
ATOM   58  C  C6    . DA  A 1 3 ? 1.785  -1.185  -0.595  1.00 23.86 ? 1004 DA  A C6    1 
ATOM   59  N  N6    . DA  A 1 3 ? 2.563  -0.290  -1.235  1.00 33.02 ? 1004 DA  A N6    1 
ATOM   60  N  N1    . DA  A 1 3 ? 0.487  -0.973  -0.421  1.00 27.09 ? 1004 DA  A N1    1 
ATOM   61  C  C2    . DA  A 1 3 ? -0.240 -1.900  0.225   1.00 28.14 ? 1004 DA  A C2    1 
ATOM   62  N  N3    . DA  A 1 3 ? 0.153  -3.062  0.755   1.00 24.64 ? 1004 DA  A N3    1 
ATOM   63  C  C4    . DA  A 1 3 ? 1.476  -3.251  0.565   1.00 28.26 ? 1004 DA  A C4    1 
ATOM   64  P  P     . DC  A 1 4 ? 0.643  -9.583  1.939   1.00 39.87 ? 1005 DC  A P     1 
ATOM   65  O  OP1   . DC  A 1 4 ? -0.308 -10.267 2.719   1.00 45.73 ? 1005 DC  A OP1   1 
ATOM   66  O  OP2   . DC  A 1 4 ? 1.811  -10.042 1.346   1.00 31.14 ? 1005 DC  A OP2   1 
ATOM   67  O  "O5'" . DC  A 1 4 ? -0.239 -8.889  0.783   1.00 28.19 ? 1005 DC  A "O5'" 1 
ATOM   68  C  "C5'" . DC  A 1 4 ? -1.418 -8.207  1.308   1.00 27.99 ? 1005 DC  A "C5'" 1 
ATOM   69  C  "C4'" . DC  A 1 4 ? -1.799 -7.418  -0.013  1.00 31.75 ? 1005 DC  A "C4'" 1 
ATOM   70  O  "O4'" . DC  A 1 4 ? -0.887 -6.290  -0.238  1.00 28.52 ? 1005 DC  A "O4'" 1 
ATOM   71  C  "C3'" . DC  A 1 4 ? -1.871 -8.249  -1.339  1.00 31.22 ? 1005 DC  A "C3'" 1 
ATOM   72  O  "O3'" . DC  A 1 4 ? -3.137 -8.540  -1.512  1.00 29.69 ? 1005 DC  A "O3'" 1 
ATOM   73  C  "C2'" . DC  A 1 4 ? -1.339 -7.279  -2.367  1.00 42.83 ? 1005 DC  A "C2'" 1 
ATOM   74  C  "C1'" . DC  A 1 4 ? -1.116 -5.943  -1.663  1.00 30.68 ? 1005 DC  A "C1'" 1 
ATOM   75  N  N1    . DC  A 1 4 ? -0.008 -5.187  -2.145  1.00 27.10 ? 1005 DC  A N1    1 
ATOM   76  C  C2    . DC  A 1 4 ? -0.224 -3.917  -2.671  1.00 29.24 ? 1005 DC  A C2    1 
ATOM   77  O  O2    . DC  A 1 4 ? -1.386 -3.506  -2.694  1.00 26.66 ? 1005 DC  A O2    1 
ATOM   78  N  N3    . DC  A 1 4 ? 0.826  -3.219  -3.119  1.00 32.34 ? 1005 DC  A N3    1 
ATOM   79  C  C4    . DC  A 1 4 ? 2.048  -3.713  -3.072  1.00 26.61 ? 1005 DC  A C4    1 
ATOM   80  N  N4    . DC  A 1 4 ? 3.053  -2.964  -3.534  1.00 30.81 ? 1005 DC  A N4    1 
ATOM   81  C  C5    . DC  A 1 4 ? 2.326  -5.015  -2.536  1.00 28.55 ? 1005 DC  A C5    1 
ATOM   82  C  C6    . DC  A 1 4 ? 1.278  -5.698  -2.091  1.00 25.85 ? 1005 DC  A C6    1 
ATOM   83  P  P     . DG  A 1 5 ? -3.746 -9.703  -2.540  1.00 38.09 ? 1006 DG  A P     1 
ATOM   84  O  OP1   . DG  A 1 5 ? -5.016 -10.024 -2.092  1.00 47.47 ? 1006 DG  A OP1   1 
ATOM   85  O  OP2   . DG  A 1 5 ? -2.668 -10.571 -2.794  1.00 40.54 ? 1006 DG  A OP2   1 
ATOM   86  O  "O5'" . DG  A 1 5 ? -3.923 -8.885  -3.953  1.00 32.42 ? 1006 DG  A "O5'" 1 
ATOM   87  C  "C5'" . DG  A 1 5 ? -5.146 -8.071  -4.026  1.00 36.23 ? 1006 DG  A "C5'" 1 
ATOM   88  C  "C4'" . DG  A 1 5 ? -5.453 -8.013  -5.574  1.00 27.89 ? 1006 DG  A "C4'" 1 
ATOM   89  O  "O4'" . DG  A 1 5 ? -4.321 -7.478  -6.364  1.00 33.06 ? 1006 DG  A "O4'" 1 
ATOM   90  C  "C3'" . DG  A 1 5 ? -5.893 -9.357  -6.270  1.00 35.96 ? 1006 DG  A "C3'" 1 
ATOM   91  O  "O3'" . DG  A 1 5 ? -7.197 -9.545  -6.085  1.00 35.98 ? 1006 DG  A "O3'" 1 
ATOM   92  C  "C2'" . DG  A 1 5 ? -5.535 -9.068  -7.706  1.00 27.71 ? 1006 DG  A "C2'" 1 
ATOM   93  C  "C1'" . DG  A 1 5 ? -4.299 -8.164  -7.683  1.00 26.37 ? 1006 DG  A "C1'" 1 
ATOM   94  N  N9    . DG  A 1 5 ? -2.927 -8.696  -7.726  1.00 26.56 ? 1006 DG  A N9    1 
ATOM   95  C  C8    . DG  A 1 5 ? -2.445 -9.919  -7.357  1.00 30.15 ? 1006 DG  A C8    1 
ATOM   96  N  N7    . DG  A 1 5 ? -1.153 -10.086 -7.522  1.00 29.44 ? 1006 DG  A N7    1 
ATOM   97  C  C5    . DG  A 1 5 ? -0.748 -8.866  -8.045  1.00 26.89 ? 1006 DG  A C5    1 
ATOM   98  C  C6    . DG  A 1 5 ? 0.545  -8.435  -8.433  1.00 30.41 ? 1006 DG  A C6    1 
ATOM   99  O  O6    . DG  A 1 5 ? 1.603  -9.055  -8.389  1.00 28.02 ? 1006 DG  A O6    1 
ATOM   100 N  N1    . DG  A 1 5 ? 0.469  -7.124  -8.907  1.00 28.17 ? 1006 DG  A N1    1 
ATOM   101 C  C2    . DG  A 1 5 ? -0.657 -6.374  -8.987  1.00 23.46 ? 1006 DG  A C2    1 
ATOM   102 N  N2    . DG  A 1 5 ? -0.576 -5.111  -9.470  1.00 27.96 ? 1006 DG  A N2    1 
ATOM   103 N  N3    . DG  A 1 5 ? -1.872 -6.766  -8.627  1.00 30.96 ? 1006 DG  A N3    1 
ATOM   104 C  C4    . DG  A 1 5 ? -1.810 -8.027  -8.171  1.00 22.33 ? 1006 DG  A C4    1 
ATOM   105 O  "O5'" . DC  B 2 1 ? -2.879 11.244  -7.707  0.00 45.10 ? 2001 DC  B "O5'" 1 
ATOM   106 C  "C5'" . DC  B 2 1 ? -1.735 10.361  -7.444  1.00 45.10 ? 2001 DC  B "C5'" 1 
ATOM   107 C  "C4'" . DC  B 2 1 ? -1.369 9.857   -8.899  1.00 38.02 ? 2001 DC  B "C4'" 1 
ATOM   108 O  "O4'" . DC  B 2 1 ? -1.372 10.964  -9.868  1.00 31.70 ? 2001 DC  B "O4'" 1 
ATOM   109 C  "C3'" . DC  B 2 1 ? -0.011 9.088   -9.074  1.00 39.59 ? 2001 DC  B "C3'" 1 
ATOM   110 O  "O3'" . DC  B 2 1 ? -0.197 8.116   -9.950  1.00 40.63 ? 2001 DC  B "O3'" 1 
ATOM   111 C  "C2'" . DC  B 2 1 ? 0.863  10.250  -9.542  1.00 36.91 ? 2001 DC  B "C2'" 1 
ATOM   112 C  "C1'" . DC  B 2 1 ? -0.051 10.949  -10.569 1.00 29.07 ? 2001 DC  B "C1'" 1 
ATOM   113 N  N1    . DC  B 2 1 ? 0.161  12.302  -10.978 1.00 30.54 ? 2001 DC  B N1    1 
ATOM   114 C  C2    . DC  B 2 1 ? 0.219  12.578  -12.354 1.00 30.19 ? 2001 DC  B C2    1 
ATOM   115 O  O2    . DC  B 2 1 ? 0.084  11.600  -13.081 1.00 25.89 ? 2001 DC  B O2    1 
ATOM   116 N  N3    . DC  B 2 1 ? 0.414  13.827  -12.806 1.00 34.39 ? 2001 DC  B N3    1 
ATOM   117 C  C4    . DC  B 2 1 ? 0.553  14.838  -11.944 1.00 32.76 ? 2001 DC  B C4    1 
ATOM   118 N  N4    . DC  B 2 1 ? 0.746  16.076  -12.429 1.00 30.68 ? 2001 DC  B N4    1 
ATOM   119 C  C5    . DC  B 2 1 ? 0.496  14.607  -10.541 1.00 38.59 ? 2001 DC  B C5    1 
ATOM   120 C  C6    . DC  B 2 1 ? 0.306  13.355  -10.110 1.00 33.93 ? 2001 DC  B C6    1 
ATOM   121 P  P     . DG  B 2 2 ? 0.378  6.708   -9.242  1.00 52.32 ? 2002 DG  B P     1 
ATOM   122 O  OP1   . DG  B 2 2 ? 1.597  7.087   -8.665  1.00 75.81 ? 2002 DG  B OP1   1 
ATOM   123 O  OP2   . DG  B 2 2 ? 0.201  5.718   -10.223 1.00 45.54 ? 2002 DG  B OP2   1 
ATOM   124 O  "O5'" . DG  B 2 2 ? -0.662 6.433   -8.045  1.00 33.45 ? 2002 DG  B "O5'" 1 
ATOM   125 C  "C5'" . DG  B 2 2 ? -1.893 6.143   -8.822  1.00 33.62 ? 2002 DG  B "C5'" 1 
ATOM   126 C  "C4'" . DG  B 2 2 ? -2.654 5.034   -8.002  1.00 33.56 ? 2002 DG  B "C4'" 1 
ATOM   127 O  "O4'" . DG  B 2 2 ? -2.136 3.668   -8.204  1.00 29.07 ? 2002 DG  B "O4'" 1 
ATOM   128 C  "C3'" . DG  B 2 2 ? -2.721 5.243   -6.442  1.00 29.01 ? 2002 DG  B "C3'" 1 
ATOM   129 O  "O3'" . DG  B 2 2 ? -3.640 6.130   -6.223  1.00 27.53 ? 2002 DG  B "O3'" 1 
ATOM   130 C  "C2'" . DG  B 2 2 ? -3.097 3.845   -5.985  1.00 31.39 ? 2002 DG  B "C2'" 1 
ATOM   131 C  "C1'" . DG  B 2 2 ? -2.382 2.898   -6.943  1.00 28.62 ? 2002 DG  B "C1'" 1 
ATOM   132 N  N9    . DG  B 2 2 ? -1.047 2.339   -6.663  1.00 30.46 ? 2002 DG  B N9    1 
ATOM   133 C  C8    . DG  B 2 2 ? 0.185  2.745   -7.103  1.00 33.67 ? 2002 DG  B C8    1 
ATOM   134 N  N7    . DG  B 2 2 ? 1.153  2.010   -6.652  1.00 33.60 ? 2002 DG  B N7    1 
ATOM   135 C  C5    . DG  B 2 2 ? 0.527  1.041   -5.852  1.00 27.36 ? 2002 DG  B C5    1 
ATOM   136 C  C6    . DG  B 2 2 ? 1.031  -0.036  -5.090  1.00 25.09 ? 2002 DG  B C6    1 
ATOM   137 O  O6    . DG  B 2 2 ? 2.195  -0.420  -4.925  1.00 30.24 ? 2002 DG  B O6    1 
ATOM   138 N  N1    . DG  B 2 2 ? 0.001  -0.732  -4.452  1.00 24.08 ? 2002 DG  B N1    1 
ATOM   139 C  C2    . DG  B 2 2 ? -1.324 -0.414  -4.549  1.00 26.47 ? 2002 DG  B C2    1 
ATOM   140 N  N2    . DG  B 2 2 ? -2.201 -1.169  -3.882  1.00 30.62 ? 2002 DG  B N2    1 
ATOM   141 N  N3    . DG  B 2 2 ? -1.824 0.582   -5.249  1.00 25.68 ? 2002 DG  B N3    1 
ATOM   142 C  C4    . DG  B 2 2 ? -0.821 1.243   -5.857  1.00 23.92 ? 2002 DG  B C4    1 
HETATM 143 N  N1    . BRU B 2 3 ? -2.798 2.562   -1.854  1.00 31.56 ? 2003 BRU B N1    1 
HETATM 144 C  C2    . BRU B 2 3 ? -2.210 1.448   -1.306  1.00 33.09 ? 2003 BRU B C2    1 
HETATM 145 N  N3    . BRU B 2 3 ? -0.873 1.273   -1.545  1.00 28.70 ? 2003 BRU B N3    1 
HETATM 146 C  C4    . BRU B 2 3 ? -0.030 2.086   -2.275  1.00 23.53 ? 2003 BRU B C4    1 
HETATM 147 C  C5    . BRU B 2 3 ? -0.739 3.232   -2.812  1.00 25.91 ? 2003 BRU B C5    1 
HETATM 148 C  C6    . BRU B 2 3 ? -2.015 3.423   -2.598  1.00 22.44 ? 2003 BRU B C6    1 
HETATM 149 O  O2    . BRU B 2 3 ? -2.868 0.671   -0.641  1.00 30.55 ? 2003 BRU B O2    1 
HETATM 150 O  O4    . BRU B 2 3 ? 1.161  1.896   -2.470  1.00 27.32 ? 2003 BRU B O4    1 
HETATM 151 BR BR    . BRU B 2 3 ? 0.127  4.509   -3.848  1.00 34.98 ? 2003 BRU B BR    1 
HETATM 152 C  "C1'" . BRU B 2 3 ? -4.181 2.836   -1.660  1.00 24.97 ? 2003 BRU B "C1'" 1 
HETATM 153 C  "C2'" . BRU B 2 3 ? -4.475 4.172   -0.925  1.00 22.51 ? 2003 BRU B "C2'" 1 
HETATM 154 C  "C3'" . BRU B 2 3 ? -5.876 4.535   -1.410  1.00 28.02 ? 2003 BRU B "C3'" 1 
HETATM 155 C  "C4'" . BRU B 2 3 ? -5.830 4.048   -2.887  1.00 25.26 ? 2003 BRU B "C4'" 1 
HETATM 156 O  "O3'" . BRU B 2 3 ? -6.841 3.874   -0.776  1.00 38.13 ? 2003 BRU B "O3'" 1 
HETATM 157 O  "O4'" . BRU B 2 3 ? -4.839 2.944   -2.967  1.00 30.22 ? 2003 BRU B "O4'" 1 
HETATM 158 C  "C5'" . BRU B 2 3 ? -5.598 5.177   -3.978  1.00 26.33 ? 2003 BRU B "C5'" 1 
HETATM 159 O  "O5'" . BRU B 2 3 ? -4.220 5.510   -3.777  1.00 27.05 ? 2003 BRU B "O5'" 1 
HETATM 160 P  P     . BRU B 2 3 ? -3.714 6.790   -4.698  1.00 34.53 ? 2003 BRU B P     1 
HETATM 161 O  OP1   . BRU B 2 3 ? -4.844 7.628   -4.726  1.00 31.16 ? 2003 BRU B OP1   1 
HETATM 162 O  OP2   . BRU B 2 3 ? -2.408 7.041   -4.295  1.00 36.00 ? 2003 BRU B OP2   1 
ATOM   163 P  P     . DA  B 2 4 ? -7.179 4.182   0.850   1.00 41.10 ? 2004 DA  B P     1 
ATOM   164 O  OP1   . DA  B 2 4 ? -8.556 3.973   0.921   1.00 43.62 ? 2004 DA  B OP1   1 
ATOM   165 O  OP2   . DA  B 2 4 ? -6.386 5.301   1.164   1.00 35.26 ? 2004 DA  B OP2   1 
ATOM   166 O  "O5'" . DA  B 2 4 ? -6.494 2.917   1.603   1.00 32.27 ? 2004 DA  B "O5'" 1 
ATOM   167 C  "C5'" . DA  B 2 4 ? -6.936 1.581   1.174   1.00 32.23 ? 2004 DA  B "C5'" 1 
ATOM   168 C  "C4'" . DA  B 2 4 ? -6.288 0.634   2.258   1.00 35.81 ? 2004 DA  B "C4'" 1 
ATOM   169 O  "O4'" . DA  B 2 4 ? -4.864 0.287   2.008   1.00 33.04 ? 2004 DA  B "O4'" 1 
ATOM   170 C  "C3'" . DA  B 2 4 ? -6.413 1.156   3.753   1.00 28.78 ? 2004 DA  B "C3'" 1 
ATOM   171 O  "O3'" . DA  B 2 4 ? -6.719 0.101   4.522   1.00 30.11 ? 2004 DA  B "O3'" 1 
ATOM   172 C  "C2'" . DA  B 2 4 ? -5.052 1.733   3.929   1.00 23.45 ? 2004 DA  B "C2'" 1 
ATOM   173 C  "C1'" . DA  B 2 4 ? -4.072 0.835   3.119   1.00 24.07 ? 2004 DA  B "C1'" 1 
ATOM   174 N  N9    . DA  B 2 4 ? -2.876 1.442   2.525   1.00 26.58 ? 2004 DA  B N9    1 
ATOM   175 C  C8    . DA  B 2 4 ? -2.879 2.608   1.787   1.00 25.10 ? 2004 DA  B C8    1 
ATOM   176 N  N7    . DA  B 2 4 ? -1.695 2.943   1.363   1.00 29.60 ? 2004 DA  B N7    1 
ATOM   177 C  C5    . DA  B 2 4 ? -0.855 1.957   1.845   1.00 22.58 ? 2004 DA  B C5    1 
ATOM   178 C  C6    . DA  B 2 4 ? 0.524  1.763   1.724   1.00 23.23 ? 2004 DA  B C6    1 
ATOM   179 N  N6    . DA  B 2 4 ? 1.313  2.602   1.053   1.00 27.84 ? 2004 DA  B N6    1 
ATOM   180 N  N1    . DA  B 2 4 ? 1.055  0.676   2.316   1.00 25.46 ? 2004 DA  B N1    1 
ATOM   181 C  C2    . DA  B 2 4 ? 0.231  -0.149  2.983   1.00 27.83 ? 2004 DA  B C2    1 
ATOM   182 N  N3    . DA  B 2 4 ? -1.076 -0.063  3.158   1.00 24.44 ? 2004 DA  B N3    1 
ATOM   183 C  C4    . DA  B 2 4 ? -1.578 1.019   2.562   1.00 22.82 ? 2004 DA  B C4    1 
ATOM   184 P  P     . DC  B 2 5 ? -7.183 0.315   6.102   1.00 30.52 ? 2005 DC  B P     1 
ATOM   185 O  OP1   . DC  B 2 5 ? -7.794 -0.931  6.447   1.00 35.82 ? 2005 DC  B OP1   1 
ATOM   186 O  OP2   . DC  B 2 5 ? -7.776 1.552   6.226   1.00 32.24 ? 2005 DC  B OP2   1 
ATOM   187 O  "O5'" . DC  B 2 5 ? -5.789 0.337   6.930   1.00 25.15 ? 2005 DC  B "O5'" 1 
ATOM   188 C  "C5'" . DC  B 2 5 ? -5.048 -0.925  6.948   1.00 30.40 ? 2005 DC  B "C5'" 1 
ATOM   189 C  "C4'" . DC  B 2 5 ? -3.660 -0.514  7.576   1.00 21.23 ? 2005 DC  B "C4'" 1 
ATOM   190 O  "O4'" . DC  B 2 5 ? -2.770 0.161   6.571   1.00 21.67 ? 2005 DC  B "O4'" 1 
ATOM   191 C  "C3'" . DC  B 2 5 ? -3.665 0.382   8.849   1.00 17.30 ? 2005 DC  B "C3'" 1 
ATOM   192 O  "O3'" . DC  B 2 5 ? -2.928 -0.211  9.818   1.00 22.47 ? 2005 DC  B "O3'" 1 
ATOM   193 C  "C2'" . DC  B 2 5 ? -3.029 1.660   8.370   1.00 23.42 ? 2005 DC  B "C2'" 1 
ATOM   194 C  "C1'" . DC  B 2 5 ? -1.995 1.150   7.339   1.00 23.38 ? 2005 DC  B "C1'" 1 
ATOM   195 N  N1    . DC  B 2 5 ? -1.470 2.059   6.393   1.00 21.43 ? 2005 DC  B N1    1 
ATOM   196 C  C2    . DC  B 2 5 ? -0.116 1.896   6.039   1.00 22.04 ? 2005 DC  B C2    1 
ATOM   197 O  O2    . DC  B 2 5 ? 0.476  0.967   6.608   1.00 24.22 ? 2005 DC  B O2    1 
ATOM   198 N  N3    . DC  B 2 5 ? 0.443  2.735   5.130   1.00 24.07 ? 2005 DC  B N3    1 
ATOM   199 C  C4    . DC  B 2 5 ? -0.294 3.703   4.581   1.00 20.29 ? 2005 DC  B C4    1 
ATOM   200 N  N4    . DC  B 2 5 ? 0.355  4.477   3.694   1.00 24.17 ? 2005 DC  B N4    1 
ATOM   201 C  C5    . DC  B 2 5 ? -1.667 3.907   4.896   1.00 17.66 ? 2005 DC  B C5    1 
ATOM   202 C  C6    . DC  B 2 5 ? -2.196 3.052   5.798   1.00 20.41 ? 2005 DC  B C6    1 
ATOM   203 P  P     . DG  B 2 6 ? -3.152 0.197   11.418  1.00 23.28 ? 2006 DG  B P     1 
ATOM   204 O  OP1   . DG  B 2 6 ? -2.572 -0.880  12.141  1.00 24.50 ? 2006 DG  B OP1   1 
ATOM   205 O  OP2   . DG  B 2 6 ? -4.495 0.552   11.627  1.00 26.51 ? 2006 DG  B OP2   1 
ATOM   206 O  "O5'" . DG  B 2 6 ? -2.226 1.486   11.611  1.00 22.76 ? 2006 DG  B "O5'" 1 
ATOM   207 C  "C5'" . DG  B 2 6 ? -0.768 1.325   11.336  1.00 25.30 ? 2006 DG  B "C5'" 1 
ATOM   208 C  "C4'" . DG  B 2 6 ? -0.148 2.651   11.948  1.00 22.55 ? 2006 DG  B "C4'" 1 
ATOM   209 O  "O4'" . DG  B 2 6 ? -0.737 3.884   11.343  1.00 20.46 ? 2006 DG  B "O4'" 1 
ATOM   210 C  "C3'" . DG  B 2 6 ? -0.203 2.796   13.511  1.00 23.66 ? 2006 DG  B "C3'" 1 
ATOM   211 O  "O3'" . DG  B 2 6 ? 0.885  2.261   14.115  1.00 21.65 ? 2006 DG  B "O3'" 1 
ATOM   212 C  "C2'" . DG  B 2 6 ? -0.327 4.329   13.629  1.00 22.02 ? 2006 DG  B "C2'" 1 
ATOM   213 C  "C1'" . DG  B 2 6 ? -1.296 4.663   12.497  1.00 24.40 ? 2006 DG  B "C1'" 1 
ATOM   214 N  N9    . DG  B 2 6 ? -2.701 4.256   12.472  1.00 22.03 ? 2006 DG  B N9    1 
ATOM   215 C  C8    . DG  B 2 6 ? -3.399 3.704   13.544  1.00 22.01 ? 2006 DG  B C8    1 
ATOM   216 N  N7    . DG  B 2 6 ? -4.628 3.427   13.272  1.00 24.53 ? 2006 DG  B N7    1 
ATOM   217 C  C5    . DG  B 2 6 ? -4.783 3.808   11.945  1.00 27.88 ? 2006 DG  B C5    1 
ATOM   218 C  C6    . DG  B 2 6 ? -5.908 3.756   11.068  1.00 27.82 ? 2006 DG  B C6    1 
ATOM   219 O  O6    . DG  B 2 6 ? -7.062 3.341   11.298  1.00 27.78 ? 2006 DG  B O6    1 
ATOM   220 N  N1    . DG  B 2 6 ? -5.619 4.252   9.790   1.00 27.74 ? 2006 DG  B N1    1 
ATOM   221 C  C2    . DG  B 2 6 ? -4.381 4.734   9.433   1.00 21.11 ? 2006 DG  B C2    1 
ATOM   222 N  N2    . DG  B 2 6 ? -4.241 5.185   8.156   1.00 21.02 ? 2006 DG  B N2    1 
ATOM   223 N  N3    . DG  B 2 6 ? -3.353 4.783   10.229  1.00 25.23 ? 2006 DG  B N3    1 
ATOM   224 C  C4    . DG  B 2 6 ? -3.598 4.314   11.464  1.00 21.79 ? 2006 DG  B C4    1 
HETATM 225 CO CO    . CO  C 3 . ? 6.378  5.300   1.950   0.50 41.76 ? 4002 CO  A CO    1 
HETATM 226 C  C1    A 8AD D 4 . ? 3.618  -5.891  -5.917  0.60 32.53 ? 3014 8AD A C1    1 
HETATM 227 C  C1    B 8AD D 4 . ? 2.673  -4.239  -6.920  0.20 26.76 ? 3014 8AD A C1    1 
HETATM 228 C  C2    A 8AD D 4 . ? 4.982  -5.851  -6.062  0.60 47.38 ? 3014 8AD A C2    1 
HETATM 229 C  C2    B 8AD D 4 . ? 3.134  -5.363  -6.278  0.20 28.85 ? 3014 8AD A C2    1 
HETATM 230 C  C3    A 8AD D 4 . ? 5.605  -4.782  -6.661  0.60 48.09 ? 3014 8AD A C3    1 
HETATM 231 C  C3    B 8AD D 4 . ? 2.244  -6.176  -5.616  0.20 24.47 ? 3014 8AD A C3    1 
HETATM 232 C  C4    A 8AD D 4 . ? 4.888  -3.653  -7.110  0.60 36.10 ? 3014 8AD A C4    1 
HETATM 233 C  C4    B 8AD D 4 . ? 0.854  -5.935  -5.560  0.20 24.55 ? 3014 8AD A C4    1 
HETATM 234 C  C5    A 8AD D 4 . ? 0.744  -1.607  -7.953  0.60 23.75 ? 3014 8AD A C5    1 
HETATM 235 C  C5    B 8AD D 4 . ? -2.776 -3.150  -6.718  0.20 14.48 ? 3014 8AD A C5    1 
HETATM 236 C  C6    A 8AD D 4 . ? -0.632 -1.470  -7.776  0.60 33.06 ? 3014 8AD A C6    1 
HETATM 237 C  C6    B 8AD D 4 . ? -3.367 -2.051  -7.321  0.20 12.06 ? 3014 8AD A C6    1 
HETATM 238 C  C7    A 8AD D 4 . ? -1.378 -2.472  -7.166  0.60 24.74 ? 3014 8AD A C7    1 
HETATM 239 C  C7    B 8AD D 4 . ? -2.578 -1.152  -8.041  0.20 21.10 ? 3014 8AD A C7    1 
HETATM 240 C  C8    A 8AD D 4 . ? -0.722 -3.557  -6.625  0.60 30.35 ? 3014 8AD A C8    1 
HETATM 241 C  C8    B 8AD D 4 . ? -1.211 -1.367  -8.151  0.20 22.86 ? 3014 8AD A C8    1 
HETATM 242 C  C9    A 8AD D 4 . ? 1.384  -4.854  -6.244  0.60 23.95 ? 3014 8AD A C9    1 
HETATM 243 C  C9    B 8AD D 4 . ? 0.824  -2.715  -7.560  0.20 20.98 ? 3014 8AD A C9    1 
HETATM 244 N  N10   A 8AD D 4 . ? 2.731  -2.715  -7.472  0.60 29.99 ? 3014 8AD A N10   1 
HETATM 245 N  N10   B 8AD D 4 . ? -0.912 -4.448  -6.204  0.20 29.24 ? 3014 8AD A N10   1 
HETATM 246 C  C11   A 8AD D 4 . ? 2.808  -4.835  -6.362  0.60 29.18 ? 3014 8AD A C11   1 
HETATM 247 C  C11   B 8AD D 4 . ? 1.314  -3.881  -6.898  0.20 21.77 ? 3014 8AD A C11   1 
HETATM 248 C  C12   A 8AD D 4 . ? 3.464  -3.702  -6.983  0.60 20.41 ? 3014 8AD A C12   1 
HETATM 249 C  C12   B 8AD D 4 . ? 0.380  -4.739  -6.193  0.20 22.30 ? 3014 8AD A C12   1 
HETATM 250 C  C13   A 8AD D 4 . ? 0.679  -3.714  -6.702  0.60 20.26 ? 3014 8AD A C13   1 
HETATM 251 C  C13   B 8AD D 4 . ? -0.569 -2.459  -7.518  0.20 23.95 ? 3014 8AD A C13   1 
HETATM 252 C  C14   A 8AD D 4 . ? 1.428  -2.665  -7.340  0.60 17.86 ? 3014 8AD A C14   1 
HETATM 253 C  C14   B 8AD D 4 . ? -1.406 -3.380  -6.789  0.20 22.73 ? 3014 8AD A C14   1 
HETATM 254 N  N9    A 8AD D 4 . ? 0.719  -5.896  -5.682  0.60 30.53 ? 3014 8AD A N9    1 
HETATM 255 N  N9    B 8AD D 4 . ? 1.672  -1.952  -8.300  0.20 7.71  ? 3014 8AD A N9    1 
HETATM 256 CO CO    . CO  E 3 . ? -5.836 2.525   14.868  0.50 27.80 ? 4001 CO  B CO    1 
HETATM 257 O  O     . HOH F 5 . ? -2.099 -4.181  2.289   1.00 27.51 ? 4006 HOH A O     1 
HETATM 258 O  O     . HOH F 5 . ? -1.766 -6.599  3.826   1.00 34.92 ? 4010 HOH A O     1 
HETATM 259 O  O     . HOH F 5 . ? -4.915 -13.222 -1.482  0.50 44.41 ? 4016 HOH A O     1 
HETATM 260 O  O     . HOH F 5 . ? -4.011 -8.103  3.931   1.00 43.09 ? 4017 HOH A O     1 
HETATM 261 O  O     . HOH F 5 . ? 3.711  7.231   2.853   0.50 51.23 ? 4018 HOH A O     1 
HETATM 262 O  O     . HOH G 5 . ? -0.424 4.185   -12.077 0.25 27.81 ? 4003 HOH B O     1 
HETATM 263 O  O     . HOH G 5 . ? 2.940  3.949   13.748  1.00 25.80 ? 4004 HOH B O     1 
HETATM 264 O  O     . HOH G 5 . ? -0.369 7.798   -5.019  1.00 46.50 ? 4005 HOH B O     1 
HETATM 265 O  O     . HOH G 5 . ? -4.984 4.139   16.203  0.50 20.33 ? 4007 HOH B O     1 
HETATM 266 O  O     . HOH G 5 . ? -1.495 6.534   2.457   1.00 37.11 ? 4008 HOH B O     1 
HETATM 267 O  O     . HOH G 5 . ? -7.067 3.850   14.829  0.50 18.75 ? 4009 HOH B O     1 
HETATM 268 O  O     . HOH G 5 . ? 0.580  -0.357  15.433  1.00 39.40 ? 4011 HOH B O     1 
HETATM 269 O  O     . HOH G 5 . ? -7.923 6.312   13.099  1.00 35.71 ? 4012 HOH B O     1 
HETATM 270 O  O     . HOH G 5 . ? -6.451 6.362   16.990  1.00 41.50 ? 4013 HOH B O     1 
HETATM 271 O  O     . HOH G 5 . ? -0.480 5.073   0.131   1.00 32.79 ? 4014 HOH B O     1 
HETATM 272 O  O     . HOH G 5 . ? -0.162 2.849   -10.554 0.50 29.97 ? 4015 HOH B O     1 
HETATM 273 O  O     . HOH G 5 . ? -3.734 4.042   18.477  1.00 42.81 ? 4019 HOH B O     1 
HETATM 274 O  O     . HOH G 5 . ? -1.591 6.698   -1.594  1.00 34.48 ? 4020 HOH B O     1 
HETATM 275 O  O     . HOH G 5 . ? -7.314 3.882   7.157   1.00 45.59 ? 4021 HOH B O     1 
# 
loop_
_atom_site_anisotrop.id 
_atom_site_anisotrop.type_symbol 
_atom_site_anisotrop.pdbx_label_atom_id 
_atom_site_anisotrop.pdbx_label_alt_id 
_atom_site_anisotrop.pdbx_label_comp_id 
_atom_site_anisotrop.pdbx_label_asym_id 
_atom_site_anisotrop.pdbx_label_seq_id 
_atom_site_anisotrop.pdbx_PDB_ins_code 
_atom_site_anisotrop.U[1][1] 
_atom_site_anisotrop.U[2][2] 
_atom_site_anisotrop.U[3][3] 
_atom_site_anisotrop.U[1][2] 
_atom_site_anisotrop.U[1][3] 
_atom_site_anisotrop.U[2][3] 
_atom_site_anisotrop.pdbx_auth_seq_id 
_atom_site_anisotrop.pdbx_auth_comp_id 
_atom_site_anisotrop.pdbx_auth_asym_id 
_atom_site_anisotrop.pdbx_auth_atom_id 
31  BR BR . BRU A 2 ? 0.5361 0.4757 0.3626 -0.0705 0.0840  -0.0107 1003 BRU A BR 
151 BR BR . BRU B 3 ? 0.6105 0.3525 0.3662 -0.1413 -0.0636 0.0093  2003 BRU B BR 
225 CO CO . CO  C . ? 0.7260 0.3691 0.4915 -0.0908 0.0035  0.0199  4002 CO  A CO 
256 CO CO . CO  E . ? 0.3703 0.3154 0.3706 0.0527  0.0741  -0.0181 4001 CO  B CO 
# 
